data_8HLK
#
_entry.id   8HLK
#
_cell.length_a   152.534
_cell.length_b   152.534
_cell.length_c   135.738
_cell.angle_alpha   90.00
_cell.angle_beta   90.00
_cell.angle_gamma   120.00
#
_symmetry.space_group_name_H-M   'P 31 2 1'
#
loop_
_entity.id
_entity.type
_entity.pdbx_description
1 polymer 'Microcystin synthetase B (Fragment)'
2 non-polymer LEUCINE
3 non-polymer 'ADENOSINE MONOPHOSPHATE'
4 water water
#
_entity_poly.entity_id   1
_entity_poly.type   'polypeptide(L)'
_entity_poly.pdbx_seq_one_letter_code
;MADTKNQPAKNVESIYPLSPMQEGMLFHSLYTPDSGIYCSQTLITLEGEINLTVFRQAWEKVVERHSVLRTLFLWEKREK
PLQIVRKKVDLPWDYQDWRNLSPTEQQQRLDLLLQTERQQGFEFKVAPLMRCLMIQLSDQTYKFLCNHHHIILDGWSMPI
IYQEVLGFYEAGIQGKSHHLPSPRPYQDYIVWLQEQNPSVAESYWQRTLEGFMTPTPLRVDRLQLMKSEGKPTYKEYNCH
LSASLSKDLQSLAQKHNLTLSTLVQAAWAILLSRYSGESEVLFGVTVSGRPHDLSGVERRVGLFINTLPLRVSIRESDLL
LSWLQELQQKQAEIQDYAYVSLAEIQRLSDIPPGVPLFESLVVFENYPREALSRDSRQSLRVKDVENFEETNYPLTVVAI
PRQELLIQLIYDTSRFTQDTIERMAGHLQTILTGIVTDPRQRVTQLPILTTQEQHQLLVEWNNTEADYPLDKSLHQLFEE
QAAQNPQGIAVIFEDQKLTYQQLNNRGNQLAHCLRDKGVGPESLVGIFMERSLEMVIGLLGILKAGGAYVPLDPDYPTER
LGDILSDSGVSLVLTQESLGDFLPQTGAESLCLDRDWEKIATYSPENHFNLTTPENLAYVIYTSGSTGKPKGVLISHRGL
MNLICWHQDAFEITPLDKITQLARIAFDAAVWELWPCLTAGASLVLVKPEIMQSPPDLRDWLIAQEITVSFLPTPLVEKI
LSLEWDENIALRIILTGGDKLHHYPSGLMPFKLINNYGPTENSVVTTSGLVRDYEEGNPPSPSIGKPVYNTKIYILDQNL
QPLPIGVPGELHISSVGLARGYLNRLELTQEKFISNPFNSGILYKTGDLVRYLPEGNIEFLGRIDNQVKLRGLRIELGEI
EAVLETHSEVEKAVVILREDTSDNQRLVAYIVRKSPSLGIGELRRFLQQQLPAYMVPSAFVILSDFPLNNNGKIDRKKLP
VPDETSI
;
_entity_poly.pdbx_strand_id   A
#
loop_
_chem_comp.id
_chem_comp.type
_chem_comp.name
_chem_comp.formula
AMP non-polymer 'ADENOSINE MONOPHOSPHATE' 'C10 H14 N5 O7 P'
#
# COMPACT_ATOMS: atom_id res chain seq x y z
N SER A 14 51.01 -11.11 21.61
CA SER A 14 49.84 -11.78 20.99
C SER A 14 49.01 -12.53 22.05
N ILE A 15 48.99 -11.99 23.26
CA ILE A 15 47.97 -12.33 24.26
C ILE A 15 46.94 -11.21 24.21
N TYR A 16 45.74 -11.53 23.71
CA TYR A 16 44.69 -10.55 23.70
C TYR A 16 43.31 -11.18 23.92
N PRO A 17 42.42 -10.42 24.60
CA PRO A 17 40.99 -10.75 24.67
C PRO A 17 40.24 -10.55 23.35
N LEU A 18 39.25 -11.42 23.06
CA LEU A 18 38.29 -11.25 21.98
C LEU A 18 37.49 -9.95 22.14
N SER A 19 37.03 -9.36 21.03
CA SER A 19 35.99 -8.34 21.07
C SER A 19 34.67 -9.01 21.43
N PRO A 20 33.72 -8.27 22.03
CA PRO A 20 32.43 -8.85 22.36
C PRO A 20 31.88 -9.56 21.11
N MET A 21 31.99 -8.86 19.98
CA MET A 21 31.45 -9.35 18.73
C MET A 21 32.18 -10.66 18.35
N GLN A 22 33.46 -10.75 18.68
CA GLN A 22 34.23 -11.95 18.42
C GLN A 22 33.77 -13.10 19.32
N GLU A 23 33.52 -12.80 20.60
CA GLU A 23 33.11 -13.83 21.54
C GLU A 23 31.80 -14.44 21.08
N GLY A 24 30.76 -13.58 21.03
CA GLY A 24 29.44 -13.98 20.57
C GLY A 24 29.57 -14.98 19.43
N MET A 25 30.29 -14.57 18.40
CA MET A 25 30.53 -15.39 17.23
C MET A 25 31.14 -16.74 17.60
N LEU A 26 32.12 -16.73 18.50
CA LEU A 26 32.83 -17.97 18.82
C LEU A 26 31.86 -18.98 19.43
N PHE A 27 31.23 -18.56 20.55
CA PHE A 27 30.23 -19.33 21.28
C PHE A 27 29.16 -19.90 20.36
N HIS A 28 28.65 -19.03 19.49
CA HIS A 28 27.65 -19.42 18.52
C HIS A 28 28.15 -20.60 17.69
N SER A 29 29.46 -20.61 17.36
CA SER A 29 30.01 -21.61 16.46
C SER A 29 30.29 -22.90 17.21
N LEU A 30 30.82 -22.74 18.44
CA LEU A 30 31.23 -23.83 19.32
C LEU A 30 30.08 -24.70 19.82
N TYR A 31 28.86 -24.12 19.95
CA TYR A 31 27.79 -24.83 20.64
C TYR A 31 26.50 -24.95 19.83
N THR A 32 26.35 -24.25 18.70
CA THR A 32 25.25 -24.56 17.81
C THR A 32 25.74 -25.58 16.79
N PRO A 33 24.85 -26.42 16.20
CA PRO A 33 25.31 -27.46 15.27
C PRO A 33 25.92 -26.80 14.02
N ASP A 34 26.80 -27.54 13.34
CA ASP A 34 27.49 -27.04 12.15
C ASP A 34 26.51 -26.18 11.34
N SER A 35 26.94 -24.95 11.06
CA SER A 35 26.05 -23.84 10.71
C SER A 35 26.48 -23.24 9.37
N GLY A 36 27.69 -22.68 9.35
CA GLY A 36 28.15 -21.94 8.19
C GLY A 36 27.41 -20.63 8.02
N ILE A 37 26.86 -20.10 9.12
CA ILE A 37 26.29 -18.77 9.10
C ILE A 37 27.45 -17.78 8.96
N TYR A 38 28.56 -18.12 9.62
CA TYR A 38 29.73 -17.26 9.73
C TYR A 38 30.79 -17.56 8.66
N CYS A 39 30.46 -18.48 7.74
CA CYS A 39 31.32 -18.81 6.64
C CYS A 39 31.06 -17.81 5.52
N SER A 40 32.10 -17.03 5.21
CA SER A 40 32.16 -16.21 4.03
C SER A 40 33.06 -16.87 2.99
N GLN A 41 32.53 -17.01 1.77
CA GLN A 41 33.27 -17.49 0.62
C GLN A 41 33.41 -16.36 -0.39
N THR A 42 34.52 -16.36 -1.13
CA THR A 42 34.73 -15.42 -2.22
C THR A 42 35.33 -16.19 -3.38
N LEU A 43 34.88 -15.90 -4.60
CA LEU A 43 35.26 -16.71 -5.75
C LEU A 43 35.69 -15.82 -6.91
N ILE A 44 36.91 -16.03 -7.41
CA ILE A 44 37.58 -15.09 -8.29
C ILE A 44 37.83 -15.73 -9.66
N THR A 45 37.15 -15.23 -10.71
CA THR A 45 37.42 -15.61 -12.10
C THR A 45 38.68 -14.87 -12.59
N LEU A 46 39.75 -15.63 -12.83
CA LEU A 46 40.99 -15.12 -13.38
C LEU A 46 41.15 -15.65 -14.81
N GLU A 47 41.72 -14.85 -15.73
CA GLU A 47 42.15 -15.36 -17.03
C GLU A 47 43.42 -14.67 -17.54
N GLY A 48 44.17 -15.44 -18.33
CA GLY A 48 45.58 -15.22 -18.59
C GLY A 48 46.38 -16.46 -18.19
N GLU A 49 47.67 -16.26 -17.88
CA GLU A 49 48.47 -17.26 -17.22
C GLU A 49 49.07 -16.63 -15.96
N ILE A 50 49.45 -17.50 -15.00
CA ILE A 50 49.91 -17.06 -13.70
C ILE A 50 51.14 -17.87 -13.29
N ASN A 51 52.13 -17.18 -12.73
CA ASN A 51 53.14 -17.87 -11.96
C ASN A 51 52.50 -18.36 -10.65
N LEU A 52 51.95 -19.59 -10.70
CA LEU A 52 51.35 -20.24 -9.53
C LEU A 52 52.27 -20.09 -8.32
N THR A 53 53.56 -20.35 -8.50
CA THR A 53 54.49 -20.35 -7.39
C THR A 53 54.44 -19.00 -6.67
N VAL A 54 54.41 -17.90 -7.44
CA VAL A 54 54.51 -16.54 -6.89
C VAL A 54 53.15 -16.07 -6.39
N PHE A 55 52.07 -16.47 -7.09
CA PHE A 55 50.73 -16.18 -6.63
C PHE A 55 50.52 -16.73 -5.21
N ARG A 56 50.94 -17.97 -4.96
CA ARG A 56 50.88 -18.54 -3.62
C ARG A 56 51.71 -17.66 -2.66
N GLN A 57 52.95 -17.35 -3.03
CA GLN A 57 53.84 -16.61 -2.14
C GLN A 57 53.29 -15.22 -1.86
N ALA A 58 52.48 -14.68 -2.80
CA ALA A 58 51.78 -13.42 -2.59
C ALA A 58 50.86 -13.55 -1.39
N TRP A 59 50.02 -14.60 -1.41
CA TRP A 59 49.08 -14.88 -0.34
C TRP A 59 49.83 -15.05 0.98
N GLU A 60 50.97 -15.74 0.94
CA GLU A 60 51.77 -15.94 2.14
C GLU A 60 52.28 -14.58 2.64
N LYS A 61 52.59 -13.68 1.71
CA LYS A 61 53.07 -12.35 2.09
C LYS A 61 51.96 -11.66 2.88
N VAL A 62 50.72 -11.74 2.35
CA VAL A 62 49.61 -11.05 3.00
C VAL A 62 49.38 -11.66 4.37
N VAL A 63 49.50 -13.00 4.46
CA VAL A 63 49.29 -13.74 5.69
C VAL A 63 50.37 -13.41 6.71
N GLU A 64 51.52 -12.98 6.21
CA GLU A 64 52.65 -12.72 7.09
C GLU A 64 52.46 -11.35 7.73
N ARG A 65 51.65 -10.47 7.14
CA ARG A 65 51.67 -9.08 7.57
C ARG A 65 50.45 -8.74 8.41
N HIS A 66 49.27 -9.20 7.95
CA HIS A 66 48.03 -9.03 8.69
C HIS A 66 47.92 -10.05 9.83
N SER A 67 47.92 -9.55 11.07
CA SER A 67 47.98 -10.44 12.23
C SER A 67 46.79 -11.42 12.28
N VAL A 68 45.55 -10.97 11.99
CA VAL A 68 44.37 -11.83 12.06
C VAL A 68 44.48 -12.99 11.07
N LEU A 69 45.33 -12.87 10.06
CA LEU A 69 45.39 -13.90 9.04
C LEU A 69 46.27 -15.05 9.51
N ARG A 70 46.84 -14.90 10.72
CA ARG A 70 47.51 -15.99 11.41
C ARG A 70 47.17 -15.93 12.91
N THR A 71 45.85 -15.84 13.22
CA THR A 71 45.41 -15.87 14.61
C THR A 71 44.68 -17.17 14.89
N LEU A 72 44.64 -17.50 16.19
CA LEU A 72 43.94 -18.66 16.71
C LEU A 72 43.26 -18.31 18.04
N PHE A 73 42.32 -19.17 18.43
CA PHE A 73 41.47 -18.87 19.57
C PHE A 73 41.67 -19.95 20.62
N LEU A 74 41.75 -19.49 21.87
CA LEU A 74 41.83 -20.39 23.02
C LEU A 74 40.57 -20.27 23.88
N TRP A 75 39.90 -21.42 24.12
CA TRP A 75 38.61 -21.45 24.83
C TRP A 75 38.58 -22.50 25.95
N ILE A 84 37.90 -17.05 25.08
CA ILE A 84 38.09 -15.81 25.91
C ILE A 84 39.43 -15.16 25.59
N VAL A 85 40.25 -15.79 24.70
CA VAL A 85 41.58 -15.28 24.35
C VAL A 85 41.98 -15.69 22.93
N ARG A 86 42.67 -14.75 22.24
CA ARG A 86 43.15 -14.95 20.88
C ARG A 86 44.67 -14.80 20.80
N LYS A 87 45.30 -15.59 19.90
CA LYS A 87 46.74 -15.69 19.76
C LYS A 87 47.14 -15.46 18.30
N LYS A 88 48.08 -14.52 18.09
CA LYS A 88 48.77 -14.35 16.81
C LYS A 88 50.18 -14.92 16.95
N VAL A 89 50.67 -15.61 15.91
CA VAL A 89 51.75 -16.58 16.07
C VAL A 89 52.98 -16.24 15.23
N ASP A 90 52.77 -15.96 13.92
CA ASP A 90 53.87 -15.71 12.94
C ASP A 90 54.34 -17.07 12.41
N LEU A 91 53.45 -17.85 11.77
CA LEU A 91 53.84 -19.22 11.33
C LEU A 91 52.93 -19.79 10.22
N PRO A 92 51.59 -19.97 10.39
CA PRO A 92 50.75 -20.65 9.39
C PRO A 92 50.39 -19.80 8.16
N TRP A 93 49.82 -20.44 7.14
CA TRP A 93 49.43 -19.72 5.90
C TRP A 93 48.25 -20.42 5.23
N ASP A 94 48.21 -20.41 3.89
CA ASP A 94 47.09 -20.96 3.16
C ASP A 94 47.45 -22.30 2.53
N TYR A 95 46.50 -23.24 2.58
CA TYR A 95 46.58 -24.43 1.75
C TYR A 95 45.75 -24.47 0.49
N GLN A 96 46.38 -24.74 -0.66
CA GLN A 96 45.67 -25.20 -1.83
C GLN A 96 45.35 -26.67 -1.64
N ASP A 97 44.26 -27.14 -2.24
CA ASP A 97 43.77 -28.50 -2.05
C ASP A 97 43.94 -29.28 -3.35
N TRP A 98 43.42 -28.73 -4.44
CA TRP A 98 43.62 -29.31 -5.76
C TRP A 98 43.58 -28.24 -6.86
N ARG A 99 43.62 -28.72 -8.11
CA ARG A 99 43.48 -27.90 -9.31
C ARG A 99 42.88 -28.82 -10.37
N ASN A 100 42.95 -28.45 -11.66
CA ASN A 100 42.66 -29.37 -12.75
C ASN A 100 41.40 -30.19 -12.42
N LEU A 112 29.24 -28.71 -17.43
CA LEU A 112 30.05 -29.56 -16.52
C LEU A 112 30.62 -28.70 -15.39
N LEU A 113 29.76 -27.94 -14.70
CA LEU A 113 30.17 -26.91 -13.74
C LEU A 113 30.72 -27.56 -12.47
N LEU A 114 29.87 -28.32 -11.76
CA LEU A 114 30.31 -29.30 -10.75
C LEU A 114 30.93 -28.62 -9.53
N GLN A 115 30.90 -27.29 -9.47
CA GLN A 115 31.59 -26.54 -8.43
C GLN A 115 30.56 -26.15 -7.37
N THR A 116 29.56 -25.39 -7.81
CA THR A 116 28.41 -25.07 -7.00
C THR A 116 27.93 -26.41 -6.46
N GLU A 117 27.65 -27.30 -7.43
CA GLU A 117 26.96 -28.56 -7.22
C GLU A 117 27.40 -29.22 -5.91
N ARG A 118 28.70 -29.43 -5.77
CA ARG A 118 29.26 -30.11 -4.61
C ARG A 118 30.43 -29.28 -4.12
N GLN A 119 31.34 -28.97 -5.05
CA GLN A 119 32.68 -28.50 -4.74
C GLN A 119 32.61 -27.18 -3.99
N GLN A 120 31.46 -26.51 -4.04
CA GLN A 120 31.30 -25.29 -3.26
C GLN A 120 30.23 -25.45 -2.19
N GLY A 121 29.45 -26.54 -2.23
CA GLY A 121 28.33 -26.68 -1.32
C GLY A 121 28.76 -27.14 0.08
N PHE A 122 29.94 -27.75 0.17
CA PHE A 122 30.19 -28.76 1.19
C PHE A 122 30.94 -28.21 2.39
N GLU A 123 30.88 -26.89 2.64
CA GLU A 123 31.72 -26.27 3.66
C GLU A 123 30.88 -25.96 4.88
N PHE A 124 30.96 -26.93 5.81
CA PHE A 124 30.61 -26.78 7.22
C PHE A 124 31.81 -27.21 8.05
N LYS A 125 32.89 -26.39 8.07
CA LYS A 125 34.10 -26.72 8.81
C LYS A 125 35.10 -25.55 8.87
N VAL A 126 35.40 -25.05 10.09
CA VAL A 126 36.58 -24.22 10.37
C VAL A 126 36.99 -24.46 11.83
N ALA A 127 38.27 -24.77 12.07
CA ALA A 127 38.77 -24.94 13.45
C ALA A 127 39.53 -23.68 13.88
N PRO A 128 39.33 -23.16 15.11
CA PRO A 128 40.09 -21.99 15.60
C PRO A 128 41.54 -22.36 15.92
N LEU A 129 42.20 -23.09 15.02
CA LEU A 129 43.61 -23.53 15.25
C LEU A 129 44.56 -22.45 14.73
N MET A 130 45.84 -22.51 15.12
CA MET A 130 46.83 -21.54 14.55
C MET A 130 46.67 -21.54 13.04
N ARG A 131 46.64 -22.73 12.42
CA ARG A 131 46.40 -22.82 10.96
C ARG A 131 45.37 -21.76 10.57
N CYS A 132 45.78 -20.75 9.81
CA CYS A 132 44.86 -19.65 9.43
C CYS A 132 43.46 -20.20 9.13
N LEU A 133 42.42 -19.63 9.73
CA LEU A 133 41.03 -20.06 9.41
C LEU A 133 40.68 -19.50 8.03
N MET A 134 41.39 -19.94 6.99
CA MET A 134 41.18 -19.41 5.62
C MET A 134 41.69 -20.44 4.62
N ILE A 135 40.79 -21.15 3.93
CA ILE A 135 41.25 -22.23 3.05
C ILE A 135 41.02 -21.77 1.61
N GLN A 136 42.00 -22.00 0.74
CA GLN A 136 41.93 -21.50 -0.63
C GLN A 136 42.04 -22.67 -1.60
N LEU A 137 41.86 -22.34 -2.88
CA LEU A 137 41.90 -23.36 -3.96
C LEU A 137 41.93 -22.50 -5.23
N SER A 138 42.81 -22.89 -6.17
CA SER A 138 42.91 -22.31 -7.53
C SER A 138 42.53 -23.50 -8.42
N ASP A 139 42.13 -23.30 -9.68
CA ASP A 139 41.49 -24.37 -10.44
C ASP A 139 42.02 -24.49 -11.88
N GLN A 140 41.38 -25.36 -12.68
CA GLN A 140 41.81 -25.70 -14.03
C GLN A 140 41.51 -24.55 -14.98
N THR A 141 40.25 -24.12 -15.01
CA THR A 141 39.80 -23.07 -15.90
C THR A 141 40.06 -21.70 -15.25
N TYR A 142 40.76 -21.70 -14.09
CA TYR A 142 41.41 -20.53 -13.51
C TYR A 142 40.43 -19.78 -12.59
N LYS A 143 39.98 -20.44 -11.49
CA LYS A 143 39.03 -19.86 -10.55
C LYS A 143 39.52 -19.98 -9.11
N PHE A 144 39.61 -18.85 -8.41
CA PHE A 144 40.13 -18.84 -7.06
C PHE A 144 39.00 -18.71 -6.04
N LEU A 145 39.15 -19.40 -4.91
CA LEU A 145 38.09 -19.52 -3.92
C LEU A 145 38.66 -19.39 -2.51
N CYS A 146 38.11 -18.47 -1.72
CA CYS A 146 38.64 -18.16 -0.40
C CYS A 146 37.52 -18.25 0.64
N ASN A 147 37.69 -19.17 1.61
CA ASN A 147 36.76 -19.39 2.70
C ASN A 147 37.38 -18.91 3.99
N HIS A 148 36.61 -18.16 4.78
CA HIS A 148 37.13 -17.60 6.02
C HIS A 148 35.98 -17.32 6.95
N HIS A 149 36.28 -17.10 8.21
CA HIS A 149 35.29 -16.97 9.26
C HIS A 149 35.26 -15.51 9.73
N HIS A 150 34.06 -14.99 10.00
CA HIS A 150 33.92 -13.56 10.24
C HIS A 150 34.57 -13.16 11.56
N ILE A 151 35.06 -14.17 12.31
CA ILE A 151 35.67 -13.87 13.59
C ILE A 151 37.06 -13.26 13.39
N ILE A 152 37.58 -13.29 12.14
CA ILE A 152 38.85 -12.64 11.86
C ILE A 152 38.71 -11.50 10.87
N LEU A 153 37.71 -11.57 9.98
CA LEU A 153 37.68 -10.58 8.88
C LEU A 153 36.35 -9.84 8.75
N ASP A 154 36.34 -8.77 7.93
CA ASP A 154 35.12 -7.95 7.74
C ASP A 154 34.77 -7.91 6.25
N GLY A 155 33.54 -7.51 5.92
CA GLY A 155 33.23 -7.33 4.49
C GLY A 155 34.21 -6.33 3.91
N TRP A 156 34.61 -5.35 4.72
CA TRP A 156 35.62 -4.38 4.29
C TRP A 156 36.97 -5.03 4.01
N SER A 157 37.30 -6.13 4.70
CA SER A 157 38.69 -6.52 4.78
C SER A 157 39.13 -7.30 3.55
N MET A 158 38.19 -7.89 2.80
CA MET A 158 38.55 -8.75 1.70
C MET A 158 39.14 -7.95 0.55
N PRO A 159 38.49 -6.88 0.03
CA PRO A 159 39.10 -6.02 -0.99
C PRO A 159 40.56 -5.69 -0.70
N ILE A 160 40.85 -5.19 0.51
CA ILE A 160 42.22 -4.91 0.91
C ILE A 160 43.12 -6.12 0.64
N ILE A 161 42.59 -7.32 0.82
CA ILE A 161 43.42 -8.50 0.76
C ILE A 161 43.70 -8.89 -0.71
N TYR A 162 42.70 -8.83 -1.60
CA TYR A 162 42.95 -9.00 -3.04
C TYR A 162 43.99 -7.97 -3.49
N GLN A 163 43.73 -6.68 -3.22
CA GLN A 163 44.59 -5.62 -3.70
C GLN A 163 46.02 -5.94 -3.29
N GLU A 164 46.24 -6.16 -1.99
CA GLU A 164 47.57 -6.43 -1.49
C GLU A 164 48.14 -7.74 -2.05
N VAL A 165 47.29 -8.70 -2.45
CA VAL A 165 47.79 -9.96 -2.97
C VAL A 165 48.13 -9.83 -4.45
N LEU A 166 47.34 -9.04 -5.19
CA LEU A 166 47.65 -8.75 -6.57
C LEU A 166 48.93 -7.92 -6.71
N GLY A 167 49.15 -6.98 -5.79
CA GLY A 167 50.31 -6.07 -5.87
C GLY A 167 51.65 -6.76 -5.55
N PHE A 168 51.65 -7.73 -4.62
CA PHE A 168 52.77 -8.59 -4.31
C PHE A 168 53.05 -9.61 -5.43
N TYR A 169 52.09 -9.80 -6.33
CA TYR A 169 52.30 -10.70 -7.46
C TYR A 169 52.93 -9.92 -8.61
N GLU A 170 52.43 -8.71 -8.89
CA GLU A 170 52.89 -7.93 -10.03
C GLU A 170 54.28 -7.38 -9.77
N ALA A 171 54.59 -7.09 -8.51
CA ALA A 171 55.97 -6.76 -8.17
C ALA A 171 56.65 -8.00 -7.57
N GLY A 172 56.89 -8.98 -8.43
CA GLY A 172 57.35 -10.30 -8.01
C GLY A 172 57.08 -11.36 -9.07
N ILE A 173 56.43 -10.92 -10.15
CA ILE A 173 56.34 -11.80 -11.33
C ILE A 173 57.43 -11.07 -12.09
N GLN A 174 58.00 -10.02 -11.47
CA GLN A 174 59.04 -9.17 -12.11
C GLN A 174 60.19 -8.94 -11.11
N GLY A 175 60.41 -9.88 -10.20
CA GLY A 175 61.52 -9.79 -9.23
C GLY A 175 61.76 -8.39 -8.70
N LYS A 176 60.70 -7.65 -8.36
CA LYS A 176 60.87 -6.30 -7.74
C LYS A 176 60.21 -6.30 -6.36
N SER A 177 60.23 -5.17 -5.66
CA SER A 177 59.54 -5.10 -4.38
C SER A 177 58.28 -4.22 -4.44
N HIS A 178 57.17 -4.79 -3.94
CA HIS A 178 55.91 -4.10 -3.69
C HIS A 178 55.95 -3.54 -2.27
N HIS A 179 56.35 -2.27 -2.14
CA HIS A 179 56.58 -1.62 -0.85
C HIS A 179 55.25 -1.09 -0.32
N LEU A 180 54.90 -1.48 0.93
CA LEU A 180 53.66 -1.07 1.57
C LEU A 180 53.94 -0.74 3.03
N PRO A 181 53.21 0.20 3.68
CA PRO A 181 53.45 0.46 5.09
C PRO A 181 53.17 -0.81 5.87
N SER A 182 53.64 -0.88 7.12
CA SER A 182 53.28 -2.00 7.98
C SER A 182 51.94 -1.67 8.63
N PRO A 183 50.98 -2.63 8.71
CA PRO A 183 49.61 -2.35 9.13
C PRO A 183 49.52 -2.23 10.64
N ARG A 184 48.38 -1.75 11.16
CA ARG A 184 48.17 -1.84 12.60
C ARG A 184 47.78 -3.27 12.94
N PRO A 185 48.19 -3.76 14.13
CA PRO A 185 48.05 -5.18 14.45
C PRO A 185 46.65 -5.70 14.81
N TYR A 186 45.68 -4.81 14.94
CA TYR A 186 44.28 -5.18 15.32
C TYR A 186 44.20 -5.75 16.71
N GLN A 187 45.33 -5.68 17.39
CA GLN A 187 45.35 -6.09 18.81
C GLN A 187 45.24 -4.76 19.55
N ASP A 188 45.22 -3.67 18.78
CA ASP A 188 45.15 -2.34 19.37
C ASP A 188 43.80 -1.69 19.12
N TYR A 189 43.01 -2.31 18.24
CA TYR A 189 41.57 -2.12 18.25
C TYR A 189 41.05 -2.61 19.60
N ILE A 190 41.51 -3.81 19.98
CA ILE A 190 41.01 -4.49 21.15
C ILE A 190 41.28 -3.64 22.41
N VAL A 191 42.48 -3.03 22.52
CA VAL A 191 42.78 -2.20 23.67
C VAL A 191 41.96 -0.90 23.59
N TRP A 192 41.74 -0.44 22.36
CA TRP A 192 40.91 0.73 22.13
C TRP A 192 39.47 0.48 22.62
N LEU A 193 38.86 -0.66 22.22
CA LEU A 193 37.56 -1.10 22.69
C LEU A 193 37.47 -1.00 24.22
N GLN A 194 38.49 -1.50 24.90
CA GLN A 194 38.47 -1.59 26.35
C GLN A 194 38.60 -0.20 26.98
N GLU A 195 39.23 0.74 26.27
CA GLU A 195 39.36 2.11 26.77
C GLU A 195 38.02 2.85 26.67
N GLN A 196 37.07 2.28 25.92
CA GLN A 196 35.82 2.96 25.69
C GLN A 196 34.82 2.46 26.73
N ASN A 197 33.83 3.31 27.01
CA ASN A 197 32.84 3.09 28.06
C ASN A 197 31.49 2.70 27.43
N PRO A 198 31.17 1.39 27.33
CA PRO A 198 29.89 0.92 26.76
C PRO A 198 28.64 1.67 27.19
N SER A 199 28.59 2.18 28.42
CA SER A 199 27.42 2.89 28.88
C SER A 199 27.24 4.22 28.13
N VAL A 200 28.34 4.79 27.57
CA VAL A 200 28.24 6.04 26.82
C VAL A 200 27.49 5.78 25.51
N ALA A 201 27.95 4.77 24.76
CA ALA A 201 27.39 4.40 23.47
C ALA A 201 25.98 3.83 23.61
N GLU A 202 25.73 3.14 24.72
CA GLU A 202 24.44 2.52 24.96
C GLU A 202 23.41 3.61 25.26
N SER A 203 23.82 4.67 25.96
CA SER A 203 22.87 5.71 26.30
C SER A 203 22.48 6.43 25.00
N TYR A 204 23.49 6.60 24.13
CA TYR A 204 23.36 7.35 22.88
C TYR A 204 22.44 6.62 21.90
N TRP A 205 22.68 5.31 21.69
CA TRP A 205 21.78 4.49 20.87
C TRP A 205 20.39 4.43 21.49
N GLN A 206 20.27 4.49 22.82
CA GLN A 206 18.96 4.40 23.43
C GLN A 206 18.24 5.74 23.17
N ARG A 207 18.93 6.85 23.47
CA ARG A 207 18.31 8.18 23.35
C ARG A 207 17.82 8.38 21.92
N THR A 208 18.68 8.09 20.91
CA THR A 208 18.43 8.48 19.52
C THR A 208 17.49 7.53 18.80
N LEU A 209 17.25 6.31 19.30
CA LEU A 209 16.37 5.39 18.60
C LEU A 209 14.99 5.25 19.25
N GLU A 210 14.67 6.16 20.18
CA GLU A 210 13.65 5.91 21.18
C GLU A 210 12.27 5.77 20.53
N GLY A 211 11.82 6.80 19.84
CA GLY A 211 10.45 6.78 19.35
C GLY A 211 10.14 5.63 18.38
N PHE A 212 11.19 4.94 17.95
CA PHE A 212 11.16 4.22 16.70
C PHE A 212 10.84 2.76 16.99
N MET A 213 9.61 2.34 16.71
CA MET A 213 9.07 1.15 17.35
C MET A 213 8.95 -0.03 16.38
N THR A 214 8.97 0.24 15.06
CA THR A 214 8.99 -0.81 14.04
C THR A 214 9.78 -0.32 12.82
N PRO A 215 10.32 -1.27 12.01
CA PRO A 215 11.10 -0.90 10.83
C PRO A 215 10.30 -0.21 9.72
N THR A 216 10.96 0.76 9.09
CA THR A 216 10.43 1.45 7.95
C THR A 216 10.00 0.43 6.90
N PRO A 217 8.71 0.35 6.53
CA PRO A 217 8.26 -0.64 5.58
C PRO A 217 8.33 0.03 4.23
N LEU A 218 8.62 -0.79 3.24
CA LEU A 218 8.89 -0.32 1.90
C LEU A 218 7.62 -0.28 1.07
N ARG A 219 6.61 -1.06 1.47
CA ARG A 219 5.27 -1.09 0.90
C ARG A 219 5.25 -0.98 -0.62
N VAL A 220 6.33 -1.40 -1.26
CA VAL A 220 6.34 -1.51 -2.74
C VAL A 220 6.73 -2.97 -2.93
N ASP A 221 7.02 -3.62 -1.80
CA ASP A 221 7.42 -5.02 -1.85
C ASP A 221 6.28 -6.04 -1.81
N ARG A 222 6.61 -7.31 -2.04
CA ARG A 222 5.66 -8.40 -2.25
C ARG A 222 5.33 -9.16 -0.97
N LEU A 223 4.11 -9.71 -0.99
CA LEU A 223 3.42 -10.32 0.15
C LEU A 223 4.37 -11.20 0.97
N GLN A 224 5.01 -12.18 0.34
CA GLN A 224 5.71 -13.21 1.08
C GLN A 224 7.09 -12.69 1.53
N PRO A 232 16.78 -18.19 -1.17
CA PRO A 232 16.74 -16.72 -1.30
C PRO A 232 17.68 -16.22 -2.40
N THR A 233 17.13 -15.81 -3.55
CA THR A 233 17.90 -15.30 -4.68
C THR A 233 17.93 -13.79 -4.72
N TYR A 234 19.08 -13.22 -5.10
CA TYR A 234 19.24 -11.80 -5.24
C TYR A 234 19.51 -11.47 -6.71
N LYS A 235 19.17 -10.25 -7.13
CA LYS A 235 19.46 -9.78 -8.46
C LYS A 235 20.01 -8.37 -8.36
N GLU A 236 20.66 -7.93 -9.45
CA GLU A 236 21.28 -6.62 -9.50
C GLU A 236 20.60 -5.83 -10.62
N TYR A 237 20.13 -4.64 -10.27
CA TYR A 237 19.74 -3.68 -11.26
C TYR A 237 20.77 -2.60 -11.15
N ASN A 238 21.43 -2.33 -12.27
CA ASN A 238 22.40 -1.26 -12.39
C ASN A 238 21.70 0.01 -12.84
N CYS A 239 21.88 1.06 -12.08
CA CYS A 239 21.32 2.36 -12.37
C CYS A 239 22.52 3.29 -12.55
N HIS A 240 22.89 3.50 -13.82
CA HIS A 240 24.02 4.36 -14.14
C HIS A 240 23.61 5.82 -14.30
N LEU A 241 24.27 6.73 -13.59
CA LEU A 241 24.01 8.16 -13.71
C LEU A 241 24.93 8.75 -14.78
N SER A 242 24.35 9.58 -15.65
CA SER A 242 25.08 10.35 -16.63
C SER A 242 26.29 11.08 -16.05
N ALA A 243 27.33 11.19 -16.88
CA ALA A 243 28.48 12.01 -16.55
C ALA A 243 28.13 13.41 -16.01
N SER A 244 27.05 14.01 -16.54
CA SER A 244 26.66 15.37 -16.17
C SER A 244 26.16 15.39 -14.73
N LEU A 245 25.21 14.48 -14.44
CA LEU A 245 24.61 14.42 -13.11
C LEU A 245 25.65 14.03 -12.06
N SER A 246 26.47 13.02 -12.38
CA SER A 246 27.58 12.66 -11.52
C SER A 246 28.37 13.92 -11.16
N LYS A 247 28.75 14.71 -12.18
CA LYS A 247 29.62 15.84 -11.96
C LYS A 247 28.86 16.93 -11.23
N ASP A 248 27.57 17.13 -11.56
CA ASP A 248 26.81 18.20 -10.91
C ASP A 248 26.71 17.91 -9.40
N LEU A 249 26.52 16.62 -9.03
CA LEU A 249 26.47 16.16 -7.64
C LEU A 249 27.79 16.48 -6.94
N GLN A 250 28.91 16.00 -7.50
CA GLN A 250 30.21 16.24 -6.91
C GLN A 250 30.37 17.74 -6.67
N SER A 251 30.10 18.56 -7.70
CA SER A 251 30.17 20.01 -7.59
C SER A 251 29.46 20.51 -6.34
N LEU A 252 28.23 20.02 -6.16
CA LEU A 252 27.33 20.55 -5.14
C LEU A 252 27.86 20.16 -3.76
N ALA A 253 28.41 18.94 -3.71
CA ALA A 253 29.07 18.47 -2.52
C ALA A 253 30.20 19.44 -2.15
N GLN A 254 31.04 19.83 -3.12
CA GLN A 254 32.14 20.72 -2.84
C GLN A 254 31.61 22.07 -2.39
N LYS A 255 30.60 22.60 -3.10
CA LYS A 255 30.18 23.94 -2.79
C LYS A 255 29.72 24.01 -1.33
N HIS A 256 29.20 22.90 -0.77
CA HIS A 256 28.42 23.00 0.47
C HIS A 256 28.89 22.08 1.60
N ASN A 257 30.06 21.45 1.43
CA ASN A 257 30.76 20.76 2.51
C ASN A 257 30.11 19.44 2.87
N LEU A 258 29.53 18.84 1.83
CA LEU A 258 28.89 17.54 1.82
C LEU A 258 29.68 16.56 0.98
N THR A 259 29.45 15.27 1.19
CA THR A 259 30.12 14.23 0.44
C THR A 259 29.12 13.58 -0.50
N LEU A 260 29.63 12.89 -1.51
CA LEU A 260 28.77 12.13 -2.41
C LEU A 260 28.01 11.03 -1.65
N SER A 261 28.59 10.49 -0.57
CA SER A 261 27.87 9.46 0.14
C SER A 261 26.61 10.08 0.77
N THR A 262 26.69 11.31 1.27
CA THR A 262 25.57 11.96 1.92
C THR A 262 24.47 12.27 0.88
N LEU A 263 24.86 12.58 -0.34
CA LEU A 263 23.87 12.86 -1.34
C LEU A 263 23.14 11.55 -1.68
N VAL A 264 23.82 10.41 -1.58
CA VAL A 264 23.15 9.17 -1.98
C VAL A 264 22.17 8.74 -0.88
N GLN A 265 22.64 8.74 0.37
CA GLN A 265 21.85 8.45 1.56
C GLN A 265 20.63 9.36 1.66
N ALA A 266 20.86 10.66 1.48
CA ALA A 266 19.78 11.64 1.37
C ALA A 266 18.74 11.18 0.33
N ALA A 267 19.23 10.82 -0.86
CA ALA A 267 18.33 10.47 -1.94
C ALA A 267 17.43 9.33 -1.50
N TRP A 268 18.07 8.37 -0.84
CA TRP A 268 17.40 7.15 -0.43
C TRP A 268 16.47 7.45 0.73
N ALA A 269 16.89 8.33 1.65
CA ALA A 269 16.02 8.75 2.75
C ALA A 269 14.71 9.35 2.24
N ILE A 270 14.81 10.27 1.27
CA ILE A 270 13.69 10.90 0.58
C ILE A 270 12.81 9.83 -0.09
N LEU A 271 13.44 8.87 -0.78
CA LEU A 271 12.65 7.85 -1.46
C LEU A 271 11.88 7.04 -0.42
N LEU A 272 12.52 6.68 0.69
CA LEU A 272 11.95 5.82 1.72
C LEU A 272 10.77 6.50 2.38
N SER A 273 10.89 7.82 2.63
CA SER A 273 9.78 8.50 3.26
C SER A 273 8.56 8.47 2.32
N ARG A 274 8.74 8.58 1.00
CA ARG A 274 7.60 8.57 0.12
C ARG A 274 7.00 7.18 0.07
N TYR A 275 7.80 6.14 -0.01
CA TYR A 275 7.28 4.79 -0.18
C TYR A 275 6.54 4.34 1.09
N SER A 276 7.03 4.79 2.24
CA SER A 276 6.68 4.26 3.53
C SER A 276 5.54 5.07 4.11
N GLY A 277 5.49 6.32 3.72
CA GLY A 277 4.50 7.24 4.26
C GLY A 277 4.94 7.85 5.59
N GLU A 278 6.17 7.60 6.00
CA GLU A 278 6.67 8.00 7.30
C GLU A 278 7.64 9.17 7.14
N SER A 279 7.57 10.12 8.03
CA SER A 279 8.40 11.29 7.90
C SER A 279 9.71 11.04 8.61
N GLU A 280 9.79 9.87 9.30
CA GLU A 280 10.99 9.35 9.91
C GLU A 280 11.29 7.96 9.38
N VAL A 281 12.51 7.81 8.87
CA VAL A 281 12.91 6.52 8.32
C VAL A 281 14.19 6.04 9.00
N LEU A 282 14.47 4.74 8.85
CA LEU A 282 15.68 4.20 9.38
C LEU A 282 16.22 3.20 8.36
N PHE A 283 17.46 3.40 7.91
CA PHE A 283 18.14 2.38 7.12
C PHE A 283 19.59 2.12 7.59
N GLY A 284 20.19 1.05 7.06
CA GLY A 284 21.60 0.77 7.26
C GLY A 284 22.50 1.75 6.50
N VAL A 285 23.62 2.14 7.12
CA VAL A 285 24.74 2.66 6.37
C VAL A 285 25.96 1.86 6.77
N THR A 286 26.88 1.67 5.83
CA THR A 286 28.17 1.07 6.11
C THR A 286 29.18 2.11 6.57
N VAL A 287 30.01 1.67 7.50
CA VAL A 287 31.02 2.49 8.14
C VAL A 287 32.29 1.65 8.17
N SER A 288 33.43 2.35 8.32
CA SER A 288 34.73 1.78 8.63
C SER A 288 34.71 0.96 9.95
N GLY A 289 34.29 1.60 11.06
CA GLY A 289 34.21 0.95 12.37
C GLY A 289 35.57 0.90 13.04
N ARG A 290 36.61 1.20 12.24
CA ARG A 290 37.98 1.29 12.78
C ARG A 290 38.23 2.78 12.97
N PRO A 291 38.64 3.26 14.16
CA PRO A 291 38.72 4.71 14.41
C PRO A 291 40.07 5.45 14.44
N HIS A 292 40.24 6.34 15.43
CA HIS A 292 41.45 7.15 15.61
C HIS A 292 41.75 8.19 14.54
N ASP A 293 40.81 8.47 13.62
CA ASP A 293 41.10 9.36 12.51
C ASP A 293 42.12 8.74 11.55
N LEU A 294 42.33 7.41 11.66
CA LEU A 294 42.96 6.63 10.61
C LEU A 294 41.92 6.30 9.54
N SER A 295 40.71 6.88 9.65
CA SER A 295 39.70 6.88 8.60
C SER A 295 40.13 7.73 7.40
N GLY A 296 41.07 8.66 7.62
CA GLY A 296 41.50 9.60 6.60
C GLY A 296 42.89 9.28 6.01
N VAL A 297 43.56 8.21 6.46
CA VAL A 297 44.89 7.89 5.98
C VAL A 297 44.97 6.40 5.57
N GLU A 298 44.80 5.49 6.54
CA GLU A 298 45.32 4.12 6.50
C GLU A 298 44.20 3.13 6.15
N ARG A 299 44.54 1.83 6.07
CA ARG A 299 43.63 0.74 5.74
C ARG A 299 44.13 -0.54 6.44
N ARG A 300 43.25 -1.27 7.14
CA ARG A 300 43.70 -2.33 8.02
C ARG A 300 42.63 -3.42 8.12
N VAL A 301 43.06 -4.62 8.51
CA VAL A 301 42.26 -5.82 8.31
C VAL A 301 41.86 -6.39 9.67
N GLY A 302 40.68 -7.03 9.70
CA GLY A 302 40.14 -7.54 10.95
C GLY A 302 38.60 -7.61 10.98
N LEU A 303 38.05 -7.64 12.20
CA LEU A 303 36.62 -7.60 12.40
C LEU A 303 36.25 -6.39 13.23
N PHE A 304 35.54 -5.45 12.60
CA PHE A 304 35.08 -4.25 13.26
C PHE A 304 33.61 -4.07 12.97
N ILE A 305 33.00 -3.06 13.58
CA ILE A 305 31.63 -2.76 13.24
C ILE A 305 31.58 -2.19 11.81
N ASN A 306 30.78 -2.80 10.94
CA ASN A 306 30.68 -2.35 9.56
C ASN A 306 29.34 -1.70 9.19
N THR A 307 28.21 -2.07 9.81
CA THR A 307 26.96 -1.39 9.54
C THR A 307 26.40 -0.74 10.82
N LEU A 308 25.69 0.37 10.65
CA LEU A 308 25.11 1.15 11.72
C LEU A 308 23.72 1.70 11.29
N PRO A 309 22.73 1.88 12.19
CA PRO A 309 21.42 2.37 11.79
C PRO A 309 21.42 3.89 11.73
N LEU A 310 20.90 4.47 10.64
CA LEU A 310 20.84 5.92 10.47
C LEU A 310 19.37 6.35 10.43
N ARG A 311 18.99 7.19 11.41
CA ARG A 311 17.61 7.58 11.56
C ARG A 311 17.50 8.99 11.03
N VAL A 312 16.59 9.17 10.04
CA VAL A 312 16.47 10.40 9.27
C VAL A 312 15.05 10.91 9.41
N SER A 313 14.87 12.15 9.84
CA SER A 313 13.52 12.69 9.89
C SER A 313 13.37 13.74 8.81
N ILE A 314 12.15 13.88 8.27
CA ILE A 314 11.87 14.92 7.28
C ILE A 314 10.59 15.66 7.65
N ARG A 315 10.71 16.96 7.96
CA ARG A 315 9.58 17.81 8.30
C ARG A 315 9.10 18.64 7.09
N GLU A 316 7.89 19.17 7.13
CA GLU A 316 7.32 19.84 5.95
C GLU A 316 8.08 21.11 5.62
N SER A 317 8.72 21.71 6.62
CA SER A 317 9.40 22.97 6.40
C SER A 317 10.84 22.74 5.92
N ASP A 318 11.32 21.50 6.00
CA ASP A 318 12.73 21.22 5.77
C ASP A 318 13.13 21.68 4.36
N LEU A 319 14.21 22.45 4.25
CA LEU A 319 14.84 22.76 2.96
C LEU A 319 16.07 21.91 2.74
N LEU A 320 16.35 21.65 1.47
CA LEU A 320 17.23 20.57 1.10
C LEU A 320 18.68 20.84 1.54
N LEU A 321 19.12 22.10 1.60
CA LEU A 321 20.50 22.42 1.89
C LEU A 321 20.79 22.25 3.38
N SER A 322 20.07 23.01 4.20
CA SER A 322 20.10 22.82 5.62
C SER A 322 19.93 21.36 6.02
N TRP A 323 18.98 20.64 5.40
CA TRP A 323 18.64 19.28 5.81
C TRP A 323 19.77 18.31 5.43
N LEU A 324 20.55 18.71 4.42
CA LEU A 324 21.66 17.89 3.96
C LEU A 324 22.84 18.17 4.88
N GLN A 325 22.97 19.43 5.34
CA GLN A 325 24.00 19.79 6.31
C GLN A 325 23.79 18.93 7.54
N GLU A 326 22.54 18.96 8.04
CA GLU A 326 22.17 18.14 9.18
C GLU A 326 22.42 16.66 8.90
N LEU A 327 22.13 16.17 7.71
CA LEU A 327 22.31 14.74 7.56
C LEU A 327 23.79 14.41 7.67
N GLN A 328 24.62 15.32 7.16
CA GLN A 328 26.06 15.13 7.20
C GLN A 328 26.52 14.86 8.63
N GLN A 329 26.08 15.73 9.57
CA GLN A 329 26.44 15.59 10.96
C GLN A 329 25.97 14.22 11.47
N LYS A 330 24.67 13.88 11.38
CA LYS A 330 24.19 12.67 12.04
C LYS A 330 24.98 11.48 11.57
N GLN A 331 25.44 11.51 10.32
CA GLN A 331 26.15 10.35 9.79
C GLN A 331 27.57 10.36 10.36
N ALA A 332 28.11 11.55 10.60
CA ALA A 332 29.40 11.69 11.27
C ALA A 332 29.29 11.28 12.74
N GLU A 333 28.34 11.92 13.44
CA GLU A 333 28.04 11.62 14.83
C GLU A 333 27.88 10.12 15.07
N ILE A 334 27.06 9.39 14.31
CA ILE A 334 26.82 8.00 14.68
C ILE A 334 28.13 7.24 14.65
N GLN A 335 29.14 7.75 13.95
CA GLN A 335 30.38 6.99 13.81
C GLN A 335 31.21 7.08 15.08
N ASP A 336 30.94 8.07 15.92
CA ASP A 336 31.55 8.23 17.23
C ASP A 336 31.05 7.20 18.23
N TYR A 337 29.91 6.58 17.95
CA TYR A 337 29.43 5.55 18.84
C TYR A 337 29.53 4.19 18.16
N ALA A 338 30.56 3.96 17.33
CA ALA A 338 30.74 2.70 16.61
C ALA A 338 31.58 1.68 17.35
N TYR A 339 31.29 1.42 18.63
CA TYR A 339 31.97 0.39 19.41
C TYR A 339 30.97 -0.46 20.20
N VAL A 340 29.78 -0.65 19.65
CA VAL A 340 28.83 -1.63 20.15
C VAL A 340 28.17 -2.28 18.94
N SER A 341 28.01 -3.60 18.96
CA SER A 341 27.55 -4.32 17.79
C SER A 341 26.15 -3.86 17.43
N LEU A 342 25.74 -4.27 16.24
CA LEU A 342 24.43 -3.99 15.73
C LEU A 342 23.40 -4.83 16.52
N ALA A 343 23.74 -6.09 16.83
CA ALA A 343 22.88 -6.89 17.70
C ALA A 343 22.70 -6.19 19.05
N GLU A 344 23.77 -5.59 19.56
CA GLU A 344 23.68 -4.81 20.77
C GLU A 344 22.79 -3.60 20.52
N ILE A 345 22.84 -3.00 19.33
CA ILE A 345 22.06 -1.80 19.07
C ILE A 345 20.59 -2.19 18.85
N GLN A 346 20.31 -3.37 18.26
CA GLN A 346 18.94 -3.77 18.00
C GLN A 346 18.21 -3.85 19.33
N ARG A 347 18.70 -4.71 20.21
CA ARG A 347 18.02 -4.95 21.46
C ARG A 347 17.87 -3.64 22.26
N LEU A 348 18.91 -2.82 22.22
CA LEU A 348 18.97 -1.54 22.93
C LEU A 348 17.91 -0.54 22.46
N SER A 349 17.29 -0.82 21.30
CA SER A 349 16.29 0.04 20.69
C SER A 349 14.90 -0.32 21.21
N ASP A 350 13.89 0.39 20.68
CA ASP A 350 12.50 0.05 20.98
C ASP A 350 11.95 -0.96 19.99
N ILE A 351 12.79 -1.50 19.09
CA ILE A 351 12.28 -2.46 18.12
C ILE A 351 12.07 -3.76 18.87
N PRO A 352 10.96 -4.49 18.64
CA PRO A 352 10.76 -5.76 19.29
C PRO A 352 11.93 -6.68 19.03
N PRO A 353 12.22 -7.60 19.98
CA PRO A 353 13.13 -8.71 19.73
C PRO A 353 12.61 -9.54 18.58
N GLY A 354 13.53 -10.02 17.75
CA GLY A 354 13.21 -10.97 16.70
C GLY A 354 13.19 -10.30 15.32
N VAL A 355 12.88 -8.99 15.28
CA VAL A 355 12.71 -8.29 14.02
C VAL A 355 13.88 -7.34 13.76
N PRO A 356 14.21 -7.17 12.45
CA PRO A 356 15.35 -6.35 12.01
C PRO A 356 15.03 -4.91 12.32
N LEU A 357 16.02 -4.04 12.49
CA LEU A 357 15.62 -2.66 12.64
C LEU A 357 15.71 -1.92 11.30
N PHE A 358 16.07 -2.63 10.23
CA PHE A 358 15.92 -2.09 8.90
C PHE A 358 16.02 -3.21 7.86
N GLU A 359 15.31 -3.02 6.76
CA GLU A 359 15.33 -3.96 5.65
C GLU A 359 16.11 -3.38 4.47
N SER A 360 16.67 -2.17 4.63
CA SER A 360 17.43 -1.59 3.55
C SER A 360 18.76 -1.10 4.08
N LEU A 361 19.78 -1.26 3.24
CA LEU A 361 21.16 -0.89 3.53
C LEU A 361 21.74 -0.07 2.38
N VAL A 362 22.39 1.04 2.73
CA VAL A 362 23.09 1.86 1.77
C VAL A 362 24.58 1.71 2.01
N VAL A 363 25.32 1.19 1.02
CA VAL A 363 26.77 1.16 1.06
C VAL A 363 27.41 2.04 -0.02
N PHE A 364 28.26 2.98 0.40
CA PHE A 364 29.11 3.79 -0.49
C PHE A 364 30.53 3.20 -0.53
N GLU A 365 30.92 2.56 -1.65
CA GLU A 365 32.21 1.87 -1.74
C GLU A 365 33.33 2.84 -2.09
N ASN A 366 33.66 3.78 -1.18
CA ASN A 366 34.44 5.00 -1.47
C ASN A 366 35.70 4.71 -2.29
N TYR A 367 36.31 3.53 -2.11
CA TYR A 367 37.42 3.08 -2.93
C TYR A 367 37.47 3.72 -4.34
N SER A 379 47.48 -10.37 -15.55
CA SER A 379 46.72 -11.61 -15.27
C SER A 379 45.26 -11.26 -14.98
N LEU A 380 44.68 -10.36 -15.78
CA LEU A 380 43.57 -9.51 -15.37
C LEU A 380 42.45 -10.28 -14.65
N ARG A 381 41.82 -9.60 -13.67
CA ARG A 381 40.65 -10.09 -12.94
C ARG A 381 39.39 -9.92 -13.77
N VAL A 382 38.49 -10.91 -13.69
CA VAL A 382 37.28 -10.90 -14.51
C VAL A 382 36.08 -10.57 -13.62
N LYS A 383 35.92 -11.30 -12.52
CA LYS A 383 34.83 -11.08 -11.58
C LYS A 383 35.26 -11.51 -10.17
N ASP A 384 34.65 -10.83 -9.17
CA ASP A 384 34.62 -11.24 -7.77
C ASP A 384 33.18 -11.56 -7.40
N VAL A 385 32.80 -12.84 -7.48
CA VAL A 385 31.46 -13.27 -7.14
C VAL A 385 31.49 -13.64 -5.64
N GLU A 386 30.56 -13.01 -4.90
CA GLU A 386 30.55 -13.03 -3.44
C GLU A 386 29.52 -14.05 -2.95
N ASN A 387 30.00 -15.24 -2.57
CA ASN A 387 29.12 -16.31 -2.13
C ASN A 387 29.22 -16.42 -0.61
N PHE A 388 29.07 -15.26 0.06
CA PHE A 388 28.62 -15.15 1.44
C PHE A 388 27.11 -14.99 1.44
N GLU A 389 26.43 -15.55 0.43
CA GLU A 389 25.01 -15.35 0.21
C GLU A 389 24.23 -15.67 1.48
N GLU A 390 24.91 -16.35 2.43
CA GLU A 390 24.34 -16.86 3.66
C GLU A 390 23.34 -15.92 4.33
N THR A 391 23.60 -14.62 4.30
CA THR A 391 22.59 -13.61 4.53
C THR A 391 22.85 -12.38 3.67
N ASN A 392 21.78 -11.68 3.33
CA ASN A 392 21.92 -10.35 2.78
C ASN A 392 20.59 -9.63 3.09
N TYR A 393 20.60 -8.30 3.16
CA TYR A 393 19.37 -7.56 3.43
C TYR A 393 18.47 -7.61 2.21
N PRO A 394 17.14 -7.48 2.39
CA PRO A 394 16.22 -7.57 1.26
C PRO A 394 16.57 -6.55 0.16
N LEU A 395 16.98 -5.36 0.56
CA LEU A 395 17.32 -4.38 -0.45
C LEU A 395 18.57 -3.64 -0.04
N THR A 396 19.64 -3.76 -0.82
CA THR A 396 20.84 -2.97 -0.59
C THR A 396 21.16 -2.13 -1.84
N VAL A 397 21.47 -0.86 -1.58
CA VAL A 397 21.75 0.14 -2.59
C VAL A 397 23.22 0.46 -2.44
N VAL A 398 24.00 0.12 -3.47
CA VAL A 398 25.45 0.24 -3.48
C VAL A 398 25.89 1.35 -4.43
N ALA A 399 26.39 2.46 -3.88
CA ALA A 399 26.97 3.51 -4.67
C ALA A 399 28.46 3.24 -4.89
N ILE A 400 28.83 3.08 -6.17
CA ILE A 400 30.21 2.84 -6.60
C ILE A 400 30.72 4.07 -7.33
N PRO A 401 31.64 4.87 -6.75
CA PRO A 401 31.92 6.21 -7.25
C PRO A 401 33.12 6.21 -8.19
N ARG A 402 32.96 5.49 -9.31
CA ARG A 402 33.84 5.61 -10.46
C ARG A 402 33.46 6.90 -11.17
N GLN A 403 34.17 7.18 -12.28
CA GLN A 403 34.14 8.48 -12.92
C GLN A 403 32.70 8.92 -13.16
N GLU A 404 31.84 7.97 -13.53
CA GLU A 404 30.40 8.16 -13.45
C GLU A 404 29.89 7.29 -12.30
N LEU A 405 28.86 7.77 -11.62
CA LEU A 405 28.40 7.17 -10.39
C LEU A 405 27.49 6.00 -10.73
N LEU A 406 27.87 4.80 -10.31
CA LEU A 406 26.96 3.66 -10.46
C LEU A 406 26.16 3.53 -9.18
N ILE A 407 24.88 3.14 -9.29
CA ILE A 407 24.11 2.82 -8.10
C ILE A 407 23.50 1.47 -8.38
N GLN A 408 23.94 0.47 -7.64
CA GLN A 408 23.42 -0.88 -7.83
C GLN A 408 22.27 -1.10 -6.85
N LEU A 409 21.22 -1.72 -7.34
CA LEU A 409 20.14 -2.12 -6.47
C LEU A 409 20.17 -3.63 -6.38
N ILE A 410 20.59 -4.14 -5.22
CA ILE A 410 20.61 -5.58 -5.06
C ILE A 410 19.41 -5.98 -4.20
N TYR A 411 18.51 -6.79 -4.81
CA TYR A 411 17.22 -7.03 -4.17
C TYR A 411 16.89 -8.50 -4.05
N ASP A 412 16.22 -8.86 -2.96
CA ASP A 412 15.66 -10.18 -2.81
C ASP A 412 14.52 -10.28 -3.80
N THR A 413 14.63 -11.20 -4.77
CA THR A 413 13.65 -11.38 -5.82
C THR A 413 12.35 -12.03 -5.33
N SER A 414 12.30 -12.47 -4.09
CA SER A 414 11.04 -12.89 -3.48
C SER A 414 10.31 -11.72 -2.86
N ARG A 415 10.99 -10.58 -2.74
CA ARG A 415 10.42 -9.42 -2.09
C ARG A 415 10.14 -8.28 -3.08
N PHE A 416 10.59 -8.35 -4.34
CA PHE A 416 10.39 -7.23 -5.25
C PHE A 416 10.41 -7.70 -6.68
N THR A 417 9.51 -7.14 -7.51
CA THR A 417 9.45 -7.48 -8.91
C THR A 417 10.53 -6.71 -9.64
N GLN A 418 10.88 -7.16 -10.85
CA GLN A 418 11.88 -6.44 -11.62
C GLN A 418 11.35 -5.04 -11.92
N ASP A 419 10.04 -4.95 -12.19
CA ASP A 419 9.40 -3.70 -12.59
C ASP A 419 9.44 -2.71 -11.44
N THR A 420 9.15 -3.18 -10.23
CA THR A 420 9.29 -2.34 -9.04
C THR A 420 10.71 -1.78 -8.91
N ILE A 421 11.73 -2.59 -9.17
CA ILE A 421 13.10 -2.15 -8.91
C ILE A 421 13.52 -1.13 -9.99
N GLU A 422 13.08 -1.38 -11.21
CA GLU A 422 13.48 -0.50 -12.31
C GLU A 422 12.96 0.91 -12.03
N ARG A 423 11.78 0.98 -11.47
CA ARG A 423 11.08 2.20 -11.16
C ARG A 423 11.77 2.90 -10.00
N MET A 424 12.19 2.10 -9.01
CA MET A 424 13.01 2.59 -7.92
C MET A 424 14.24 3.31 -8.49
N ALA A 425 14.89 2.67 -9.49
CA ALA A 425 16.02 3.27 -10.19
C ALA A 425 15.65 4.64 -10.76
N GLY A 426 14.59 4.69 -11.57
CA GLY A 426 14.01 5.94 -12.07
C GLY A 426 13.75 6.97 -10.99
N HIS A 427 13.21 6.56 -9.83
CA HIS A 427 12.97 7.52 -8.74
C HIS A 427 14.28 8.14 -8.19
N LEU A 428 15.32 7.33 -7.91
CA LEU A 428 16.55 7.90 -7.39
C LEU A 428 17.12 8.87 -8.42
N GLN A 429 17.04 8.45 -9.68
CA GLN A 429 17.50 9.27 -10.78
C GLN A 429 16.74 10.60 -10.77
N THR A 430 15.41 10.53 -10.63
CA THR A 430 14.63 11.74 -10.54
C THR A 430 15.06 12.57 -9.30
N ILE A 431 15.34 11.93 -8.19
CA ILE A 431 15.52 12.73 -6.98
C ILE A 431 16.84 13.45 -7.05
N LEU A 432 17.84 12.73 -7.57
CA LEU A 432 19.20 13.25 -7.64
C LEU A 432 19.25 14.42 -8.61
N THR A 433 18.66 14.27 -9.82
CA THR A 433 18.57 15.36 -10.79
C THR A 433 17.84 16.58 -10.20
N GLY A 434 16.80 16.33 -9.43
CA GLY A 434 16.09 17.41 -8.73
C GLY A 434 16.97 18.16 -7.73
N ILE A 435 17.87 17.42 -7.05
CA ILE A 435 18.67 17.99 -5.98
C ILE A 435 19.70 18.99 -6.53
N VAL A 436 20.40 18.60 -7.60
CA VAL A 436 21.35 19.49 -8.24
C VAL A 436 20.65 20.64 -8.97
N THR A 437 19.44 20.39 -9.48
CA THR A 437 18.78 21.39 -10.29
C THR A 437 18.37 22.58 -9.43
N ASP A 438 17.85 22.31 -8.23
CA ASP A 438 17.53 23.41 -7.34
C ASP A 438 17.56 22.94 -5.90
N PRO A 439 18.72 23.08 -5.19
CA PRO A 439 18.81 22.64 -3.79
C PRO A 439 18.20 23.58 -2.75
N ARG A 440 17.50 24.62 -3.19
CA ARG A 440 16.87 25.53 -2.25
C ARG A 440 15.50 24.98 -1.90
N GLN A 441 15.13 23.90 -2.56
CA GLN A 441 13.78 23.35 -2.63
C GLN A 441 13.39 22.69 -1.30
N ARG A 442 12.10 22.63 -1.00
CA ARG A 442 11.68 21.88 0.17
C ARG A 442 11.74 20.38 -0.11
N VAL A 443 12.29 19.63 0.85
CA VAL A 443 12.54 18.21 0.70
C VAL A 443 11.26 17.45 0.39
N THR A 444 10.14 17.82 1.03
CA THR A 444 8.87 17.13 0.86
C THR A 444 8.17 17.44 -0.47
N GLN A 445 8.74 18.35 -1.26
CA GLN A 445 8.14 18.78 -2.52
C GLN A 445 8.98 18.33 -3.71
N LEU A 446 10.16 17.77 -3.47
CA LEU A 446 11.08 17.35 -4.51
C LEU A 446 10.39 16.28 -5.33
N PRO A 447 10.53 16.28 -6.68
CA PRO A 447 9.88 15.30 -7.53
C PRO A 447 10.52 13.92 -7.42
N ILE A 448 9.71 12.90 -7.58
CA ILE A 448 10.15 11.51 -7.51
C ILE A 448 9.76 10.75 -8.80
N LEU A 449 8.63 11.09 -9.43
CA LEU A 449 8.17 10.33 -10.57
C LEU A 449 8.95 10.75 -11.80
N THR A 450 9.17 9.82 -12.71
CA THR A 450 9.73 10.22 -13.98
C THR A 450 8.64 10.92 -14.78
N THR A 451 9.12 11.71 -15.74
CA THR A 451 8.30 12.20 -16.83
C THR A 451 7.26 11.22 -17.36
N GLN A 452 7.62 9.95 -17.60
CA GLN A 452 6.67 9.05 -18.20
C GLN A 452 5.72 8.61 -17.11
N GLU A 453 6.21 8.38 -15.89
CA GLU A 453 5.33 7.98 -14.80
C GLU A 453 4.29 9.08 -14.55
N GLN A 454 4.77 10.30 -14.25
CA GLN A 454 3.89 11.44 -14.04
C GLN A 454 2.74 11.31 -15.06
N HIS A 455 3.13 11.17 -16.33
CA HIS A 455 2.17 11.27 -17.41
C HIS A 455 1.16 10.13 -17.33
N GLN A 456 1.66 8.93 -17.13
CA GLN A 456 0.82 7.77 -17.15
C GLN A 456 -0.25 7.91 -16.06
N LEU A 457 0.18 8.12 -14.80
CA LEU A 457 -0.69 8.13 -13.63
C LEU A 457 -1.64 9.33 -13.66
N LEU A 458 -1.08 10.52 -13.85
CA LEU A 458 -1.87 11.74 -13.68
C LEU A 458 -2.64 12.13 -14.95
N VAL A 459 -2.19 11.72 -16.15
CA VAL A 459 -2.79 12.18 -17.40
C VAL A 459 -3.48 11.04 -18.16
N GLU A 460 -2.71 10.03 -18.59
CA GLU A 460 -3.22 8.99 -19.47
C GLU A 460 -4.26 8.15 -18.74
N TRP A 461 -3.95 7.61 -17.54
CA TRP A 461 -4.92 6.83 -16.79
C TRP A 461 -6.12 7.68 -16.38
N ASN A 462 -6.01 9.02 -16.45
CA ASN A 462 -7.15 9.87 -16.16
C ASN A 462 -7.89 10.34 -17.42
N ASN A 463 -7.55 9.79 -18.58
CA ASN A 463 -8.17 10.25 -19.82
C ASN A 463 -9.53 9.57 -20.00
N THR A 464 -10.52 10.02 -19.23
CA THR A 464 -11.84 9.45 -19.14
C THR A 464 -12.95 10.38 -19.68
N GLU A 465 -12.59 11.54 -20.21
CA GLU A 465 -13.54 12.43 -20.86
C GLU A 465 -14.48 11.65 -21.78
N ALA A 466 -15.76 12.03 -21.67
CA ALA A 466 -16.81 11.38 -22.44
C ALA A 466 -17.95 12.38 -22.65
N ASP A 467 -18.48 12.39 -23.88
CA ASP A 467 -19.67 13.17 -24.20
C ASP A 467 -20.84 12.54 -23.48
N TYR A 468 -21.68 13.42 -22.94
CA TYR A 468 -22.91 13.00 -22.26
C TYR A 468 -23.80 14.23 -22.31
N PRO A 469 -25.15 14.09 -22.27
CA PRO A 469 -26.08 15.22 -22.38
C PRO A 469 -26.08 16.13 -21.16
N LEU A 470 -25.27 17.19 -21.22
CA LEU A 470 -25.02 18.02 -20.05
C LEU A 470 -26.11 19.10 -19.95
N ASP A 471 -26.81 19.34 -21.06
CA ASP A 471 -27.93 20.27 -21.15
C ASP A 471 -29.16 19.74 -20.38
N LYS A 472 -29.35 18.41 -20.36
CA LYS A 472 -30.60 17.78 -19.93
C LYS A 472 -30.59 17.46 -18.44
N SER A 473 -31.76 17.01 -17.99
CA SER A 473 -31.97 16.75 -16.58
C SER A 473 -32.66 15.41 -16.44
N LEU A 474 -32.71 14.92 -15.21
CA LEU A 474 -33.07 13.53 -14.97
C LEU A 474 -34.48 13.31 -15.53
N HIS A 475 -35.40 14.19 -15.11
CA HIS A 475 -36.81 14.08 -15.43
C HIS A 475 -37.07 14.22 -16.93
N GLN A 476 -36.43 15.16 -17.63
CA GLN A 476 -36.49 15.19 -19.09
C GLN A 476 -36.27 13.81 -19.74
N LEU A 477 -35.06 13.25 -19.57
CA LEU A 477 -34.68 11.93 -20.05
C LEU A 477 -35.78 10.92 -19.77
N PHE A 478 -36.33 11.03 -18.56
CA PHE A 478 -37.34 10.09 -18.15
C PHE A 478 -38.49 10.21 -19.13
N GLU A 479 -38.84 11.46 -19.47
CA GLU A 479 -40.15 11.65 -20.08
C GLU A 479 -39.99 11.40 -21.57
N GLU A 480 -38.75 11.40 -22.06
CA GLU A 480 -38.48 10.94 -23.40
C GLU A 480 -38.63 9.42 -23.43
N GLN A 481 -38.26 8.81 -22.31
CA GLN A 481 -38.41 7.37 -22.16
C GLN A 481 -39.90 7.01 -22.11
N ALA A 482 -40.69 7.82 -21.41
CA ALA A 482 -42.10 7.53 -21.26
C ALA A 482 -42.86 7.89 -22.55
N ALA A 483 -42.31 8.83 -23.34
CA ALA A 483 -42.83 9.09 -24.67
C ALA A 483 -42.66 7.85 -25.54
N GLN A 484 -41.40 7.44 -25.76
CA GLN A 484 -41.06 6.49 -26.81
C GLN A 484 -41.60 5.06 -26.57
N ASN A 485 -41.99 4.71 -25.34
CA ASN A 485 -42.45 3.37 -25.03
C ASN A 485 -43.45 3.44 -23.88
N PRO A 486 -44.61 4.10 -24.12
CA PRO A 486 -45.57 4.40 -23.06
C PRO A 486 -46.11 3.16 -22.40
N GLN A 487 -46.06 2.04 -23.13
CA GLN A 487 -46.76 0.85 -22.70
C GLN A 487 -45.81 -0.06 -21.92
N GLY A 488 -44.50 0.28 -21.88
CA GLY A 488 -43.50 -0.54 -21.19
C GLY A 488 -43.69 -0.60 -19.68
N ILE A 489 -43.48 -1.78 -19.08
CA ILE A 489 -43.49 -1.94 -17.62
C ILE A 489 -42.30 -1.16 -17.08
N ALA A 490 -42.58 -0.15 -16.23
CA ALA A 490 -41.57 0.72 -15.66
C ALA A 490 -41.24 0.25 -14.25
N VAL A 491 -42.26 -0.11 -13.47
CA VAL A 491 -41.99 -0.51 -12.09
C VAL A 491 -42.88 -1.71 -11.73
N ILE A 492 -42.35 -2.61 -10.92
CA ILE A 492 -43.00 -3.84 -10.56
C ILE A 492 -42.77 -4.07 -9.08
N PHE A 493 -43.85 -4.39 -8.38
CA PHE A 493 -43.75 -4.73 -6.99
C PHE A 493 -44.74 -5.84 -6.71
N GLU A 494 -44.21 -7.06 -6.51
CA GLU A 494 -45.03 -8.24 -6.39
C GLU A 494 -45.98 -8.04 -7.58
N ASP A 495 -47.30 -8.03 -7.32
CA ASP A 495 -48.32 -8.01 -8.36
C ASP A 495 -48.52 -6.70 -9.10
N GLN A 496 -48.48 -5.60 -8.33
CA GLN A 496 -48.56 -4.23 -8.81
C GLN A 496 -47.57 -3.98 -9.95
N LYS A 497 -47.85 -2.97 -10.78
CA LYS A 497 -47.13 -2.73 -12.02
C LYS A 497 -47.49 -1.36 -12.56
N LEU A 498 -46.51 -0.57 -12.98
CA LEU A 498 -46.78 0.72 -13.58
C LEU A 498 -46.17 0.70 -14.97
N THR A 499 -46.83 1.35 -15.92
CA THR A 499 -46.26 1.49 -17.23
C THR A 499 -45.51 2.79 -17.18
N TYR A 500 -44.74 3.07 -18.23
CA TYR A 500 -44.10 4.36 -18.33
C TYR A 500 -45.18 5.45 -18.31
N GLN A 501 -46.38 5.20 -18.87
CA GLN A 501 -47.40 6.24 -18.90
C GLN A 501 -48.02 6.44 -17.54
N GLN A 502 -48.40 5.35 -16.88
CA GLN A 502 -48.89 5.45 -15.51
C GLN A 502 -47.91 6.29 -14.69
N LEU A 503 -46.62 5.91 -14.69
CA LEU A 503 -45.61 6.55 -13.85
C LEU A 503 -45.45 8.02 -14.24
N ASN A 504 -45.30 8.30 -15.54
CA ASN A 504 -45.16 9.69 -15.99
C ASN A 504 -46.38 10.52 -15.58
N ASN A 505 -47.59 9.97 -15.78
CA ASN A 505 -48.82 10.73 -15.59
C ASN A 505 -48.97 11.03 -14.10
N ARG A 506 -49.00 9.98 -13.27
CA ARG A 506 -49.10 10.15 -11.83
C ARG A 506 -47.96 11.01 -11.25
N GLY A 507 -46.80 11.00 -11.92
CA GLY A 507 -45.71 11.85 -11.53
C GLY A 507 -45.97 13.33 -11.82
N ASN A 508 -46.47 13.60 -13.03
CA ASN A 508 -46.84 14.94 -13.44
C ASN A 508 -47.93 15.51 -12.54
N GLN A 509 -48.81 14.65 -12.05
CA GLN A 509 -49.89 15.13 -11.19
C GLN A 509 -49.30 15.56 -9.86
N LEU A 510 -48.51 14.68 -9.24
CA LEU A 510 -47.90 15.07 -7.98
C LEU A 510 -47.02 16.32 -8.18
N ALA A 511 -46.36 16.42 -9.32
CA ALA A 511 -45.55 17.60 -9.55
C ALA A 511 -46.39 18.87 -9.47
N HIS A 512 -47.61 18.81 -10.05
CA HIS A 512 -48.44 20.00 -10.18
C HIS A 512 -48.95 20.34 -8.79
N CYS A 513 -49.41 19.30 -8.08
CA CYS A 513 -49.78 19.46 -6.70
C CYS A 513 -48.62 20.15 -5.97
N LEU A 514 -47.38 19.65 -6.18
CA LEU A 514 -46.24 20.06 -5.38
C LEU A 514 -45.94 21.51 -5.69
N ARG A 515 -46.12 21.91 -6.95
CA ARG A 515 -45.58 23.21 -7.27
C ARG A 515 -46.60 24.28 -6.86
N ASP A 516 -47.84 23.87 -6.56
CA ASP A 516 -48.79 24.75 -5.90
C ASP A 516 -48.45 24.97 -4.44
N LYS A 517 -47.69 24.03 -3.90
CA LYS A 517 -47.36 24.04 -2.49
C LYS A 517 -46.04 24.79 -2.27
N GLY A 518 -45.40 25.24 -3.35
CA GLY A 518 -44.26 26.13 -3.18
C GLY A 518 -42.93 25.57 -3.67
N VAL A 519 -42.97 24.39 -4.31
CA VAL A 519 -41.79 23.65 -4.69
C VAL A 519 -41.26 24.17 -6.02
N GLY A 520 -39.94 24.42 -6.04
CA GLY A 520 -39.23 24.76 -7.26
C GLY A 520 -37.75 24.36 -7.24
N PRO A 521 -36.94 24.87 -8.18
CA PRO A 521 -35.51 24.61 -8.13
C PRO A 521 -34.99 25.01 -6.74
N GLU A 522 -34.15 24.13 -6.18
CA GLU A 522 -33.51 24.24 -4.88
C GLU A 522 -34.42 23.87 -3.71
N SER A 523 -35.66 23.47 -3.95
CA SER A 523 -36.53 23.10 -2.84
C SER A 523 -36.12 21.73 -2.35
N LEU A 524 -36.00 21.56 -1.05
CA LEU A 524 -35.77 20.25 -0.48
C LEU A 524 -37.08 19.68 0.05
N VAL A 525 -37.57 18.61 -0.60
CA VAL A 525 -38.76 17.91 -0.14
C VAL A 525 -38.38 16.59 0.53
N GLY A 526 -38.87 16.38 1.75
CA GLY A 526 -38.74 15.11 2.45
C GLY A 526 -39.50 14.01 1.71
N ILE A 527 -39.00 12.76 1.83
CA ILE A 527 -39.76 11.58 1.39
C ILE A 527 -39.61 10.46 2.41
N PHE A 528 -40.74 10.08 3.00
CA PHE A 528 -40.77 9.21 4.17
C PHE A 528 -41.75 8.07 3.89
N MET A 529 -41.27 7.01 3.21
CA MET A 529 -42.15 6.06 2.55
C MET A 529 -41.51 4.67 2.54
N GLU A 530 -42.37 3.65 2.44
CA GLU A 530 -41.87 2.29 2.34
C GLU A 530 -41.54 2.08 0.86
N ARG A 531 -40.57 1.20 0.59
CA ARG A 531 -40.22 0.86 -0.78
C ARG A 531 -41.50 0.36 -1.46
N SER A 532 -41.90 1.01 -2.55
CA SER A 532 -43.21 0.79 -3.12
C SER A 532 -43.32 1.53 -4.44
N LEU A 533 -44.47 1.43 -5.10
CA LEU A 533 -44.69 2.18 -6.32
C LEU A 533 -44.90 3.62 -5.96
N GLU A 534 -45.56 3.86 -4.82
CA GLU A 534 -45.87 5.22 -4.42
C GLU A 534 -44.56 6.01 -4.31
N MET A 535 -43.53 5.29 -3.86
CA MET A 535 -42.27 5.95 -3.58
C MET A 535 -41.58 6.37 -4.87
N VAL A 536 -41.57 5.51 -5.90
CA VAL A 536 -41.06 5.92 -7.21
C VAL A 536 -41.83 7.15 -7.71
N ILE A 537 -43.14 7.18 -7.47
CA ILE A 537 -43.96 8.29 -7.96
C ILE A 537 -43.54 9.56 -7.23
N GLY A 538 -43.40 9.41 -5.91
CA GLY A 538 -42.85 10.46 -5.06
C GLY A 538 -41.52 11.03 -5.56
N LEU A 539 -40.54 10.14 -5.73
CA LEU A 539 -39.25 10.59 -6.19
C LEU A 539 -39.44 11.37 -7.48
N LEU A 540 -40.20 10.80 -8.41
CA LEU A 540 -40.29 11.35 -9.75
C LEU A 540 -41.05 12.67 -9.69
N GLY A 541 -41.96 12.76 -8.72
CA GLY A 541 -42.77 13.95 -8.52
C GLY A 541 -41.94 15.16 -8.10
N ILE A 542 -41.18 14.98 -7.02
CA ILE A 542 -40.29 16.01 -6.52
C ILE A 542 -39.40 16.52 -7.65
N LEU A 543 -38.87 15.59 -8.46
CA LEU A 543 -37.86 15.94 -9.45
C LEU A 543 -38.51 16.85 -10.50
N LYS A 544 -39.74 16.50 -10.88
CA LYS A 544 -40.47 17.23 -11.91
C LYS A 544 -40.86 18.62 -11.39
N ALA A 545 -41.23 18.70 -10.12
CA ALA A 545 -41.54 19.99 -9.55
C ALA A 545 -40.35 20.94 -9.66
N GLY A 546 -39.15 20.34 -9.78
CA GLY A 546 -37.89 21.05 -9.79
C GLY A 546 -37.10 20.96 -8.49
N GLY A 547 -37.65 20.20 -7.54
CA GLY A 547 -37.07 20.11 -6.23
C GLY A 547 -36.05 18.98 -6.17
N ALA A 548 -35.59 18.72 -4.95
CA ALA A 548 -34.56 17.75 -4.69
C ALA A 548 -35.06 16.96 -3.50
N TYR A 549 -34.92 15.63 -3.58
CA TYR A 549 -35.51 14.80 -2.57
C TYR A 549 -34.55 14.58 -1.42
N VAL A 550 -35.11 14.41 -0.22
CA VAL A 550 -34.34 14.10 0.97
C VAL A 550 -34.93 12.83 1.57
N PRO A 551 -34.42 11.63 1.20
CA PRO A 551 -34.90 10.39 1.78
C PRO A 551 -34.86 10.43 3.30
N LEU A 552 -35.99 10.04 3.92
CA LEU A 552 -36.08 9.79 5.34
C LEU A 552 -36.39 8.31 5.59
N ASP A 553 -35.49 7.62 6.30
CA ASP A 553 -35.58 6.17 6.39
C ASP A 553 -36.74 5.75 7.29
N PRO A 554 -37.61 4.82 6.86
CA PRO A 554 -38.83 4.55 7.59
C PRO A 554 -38.58 3.95 8.97
N ASP A 555 -37.40 3.37 9.18
CA ASP A 555 -37.14 2.69 10.43
C ASP A 555 -36.31 3.58 11.34
N TYR A 556 -36.12 4.86 10.99
CA TYR A 556 -35.33 5.70 11.86
C TYR A 556 -36.16 6.06 13.09
N PRO A 557 -35.53 6.25 14.26
CA PRO A 557 -36.24 6.79 15.43
C PRO A 557 -36.74 8.18 15.12
N THR A 558 -37.73 8.64 15.89
CA THR A 558 -38.38 9.90 15.55
C THR A 558 -37.43 11.07 15.79
N GLU A 559 -36.39 10.89 16.62
CA GLU A 559 -35.48 11.98 16.91
C GLU A 559 -34.49 12.20 15.75
N ARG A 560 -33.98 11.10 15.15
CA ARG A 560 -33.07 11.22 14.01
C ARG A 560 -33.85 11.86 12.85
N LEU A 561 -35.09 11.43 12.62
CA LEU A 561 -35.98 12.05 11.65
C LEU A 561 -36.10 13.55 11.94
N GLY A 562 -36.26 13.87 13.23
CA GLY A 562 -36.28 15.26 13.66
C GLY A 562 -35.06 16.01 13.15
N ASP A 563 -33.86 15.48 13.45
CA ASP A 563 -32.62 16.18 13.17
C ASP A 563 -32.51 16.40 11.66
N ILE A 564 -32.96 15.41 10.88
CA ILE A 564 -32.80 15.50 9.44
C ILE A 564 -33.68 16.64 8.96
N LEU A 565 -34.93 16.70 9.44
CA LEU A 565 -35.88 17.72 9.01
C LEU A 565 -35.38 19.10 9.43
N SER A 566 -34.77 19.24 10.63
CA SER A 566 -34.26 20.55 11.03
C SER A 566 -32.99 20.90 10.25
N ASP A 567 -32.11 19.91 10.05
CA ASP A 567 -30.94 20.09 9.23
C ASP A 567 -31.35 20.52 7.82
N SER A 568 -32.16 19.69 7.16
CA SER A 568 -32.48 19.92 5.75
C SER A 568 -33.45 21.08 5.56
N GLY A 569 -34.14 21.48 6.64
CA GLY A 569 -35.13 22.54 6.53
C GLY A 569 -36.32 22.23 5.62
N VAL A 570 -36.81 20.99 5.59
CA VAL A 570 -37.90 20.74 4.67
C VAL A 570 -39.19 21.28 5.29
N SER A 571 -40.03 21.84 4.43
CA SER A 571 -41.34 22.32 4.85
C SER A 571 -42.43 21.32 4.43
N LEU A 572 -42.06 20.34 3.60
CA LEU A 572 -43.00 19.39 3.05
C LEU A 572 -42.38 17.98 3.05
N VAL A 573 -43.15 16.99 3.51
CA VAL A 573 -42.72 15.61 3.50
C VAL A 573 -43.80 14.80 2.80
N LEU A 574 -43.48 14.15 1.69
CA LEU A 574 -44.34 13.12 1.13
C LEU A 574 -44.18 11.83 1.94
N THR A 575 -45.32 11.22 2.31
CA THR A 575 -45.32 9.98 3.07
C THR A 575 -46.51 9.09 2.67
N GLN A 576 -46.87 8.19 3.56
CA GLN A 576 -47.93 7.23 3.32
C GLN A 576 -48.61 6.99 4.67
N GLU A 577 -49.91 6.66 4.62
CA GLU A 577 -50.75 6.54 5.81
C GLU A 577 -50.13 5.62 6.87
N SER A 578 -49.59 4.47 6.43
CA SER A 578 -48.80 3.57 7.25
C SER A 578 -47.82 4.27 8.20
N LEU A 579 -47.14 5.34 7.76
CA LEU A 579 -46.00 5.88 8.48
C LEU A 579 -46.27 7.29 9.01
N GLY A 580 -47.32 7.93 8.49
CA GLY A 580 -47.65 9.31 8.82
C GLY A 580 -47.46 9.63 10.30
N ASP A 581 -47.96 8.76 11.17
CA ASP A 581 -47.95 9.03 12.60
C ASP A 581 -46.54 8.93 13.18
N PHE A 582 -45.56 8.47 12.41
CA PHE A 582 -44.22 8.31 12.97
C PHE A 582 -43.38 9.56 12.73
N LEU A 583 -43.81 10.40 11.77
CA LEU A 583 -43.20 11.71 11.58
C LEU A 583 -43.29 12.43 12.89
N PRO A 584 -42.23 13.18 13.29
CA PRO A 584 -42.32 14.07 14.45
C PRO A 584 -43.05 15.33 13.97
N GLN A 585 -43.66 16.08 14.90
CA GLN A 585 -44.39 17.26 14.50
C GLN A 585 -43.49 18.48 14.60
N THR A 586 -43.03 18.92 13.43
CA THR A 586 -41.93 19.86 13.35
C THR A 586 -42.40 21.19 12.78
N GLY A 587 -43.65 21.23 12.31
CA GLY A 587 -44.14 22.39 11.62
C GLY A 587 -44.28 22.17 10.12
N ALA A 588 -43.82 21.02 9.62
CA ALA A 588 -43.81 20.80 8.19
C ALA A 588 -45.11 20.13 7.77
N GLU A 589 -45.57 20.50 6.57
CA GLU A 589 -46.72 19.86 5.94
C GLU A 589 -46.31 18.43 5.55
N SER A 590 -47.25 17.48 5.63
CA SER A 590 -47.05 16.16 5.08
C SER A 590 -48.17 15.85 4.10
N LEU A 591 -47.84 15.23 2.96
CA LEU A 591 -48.80 14.77 1.95
C LEU A 591 -48.72 13.25 1.85
N CYS A 592 -49.87 12.54 1.98
CA CYS A 592 -49.92 11.08 1.86
C CYS A 592 -50.26 10.70 0.43
N LEU A 593 -49.36 9.98 -0.23
CA LEU A 593 -49.56 9.62 -1.61
C LEU A 593 -50.59 8.50 -1.69
N ASP A 594 -50.91 7.93 -0.52
CA ASP A 594 -51.93 6.85 -0.46
C ASP A 594 -53.30 7.45 -0.12
N ARG A 595 -53.45 8.08 1.06
CA ARG A 595 -54.77 8.56 1.45
C ARG A 595 -55.17 9.70 0.54
N ASP A 596 -54.27 10.70 0.47
CA ASP A 596 -54.57 11.97 -0.18
C ASP A 596 -54.40 11.86 -1.71
N TRP A 597 -54.36 10.64 -2.29
CA TRP A 597 -54.12 10.55 -3.72
C TRP A 597 -55.17 11.32 -4.52
N GLU A 598 -56.39 11.39 -3.97
CA GLU A 598 -57.51 12.08 -4.61
C GLU A 598 -57.13 13.53 -4.90
N LYS A 599 -56.54 14.22 -3.90
CA LYS A 599 -56.06 15.59 -4.05
C LYS A 599 -55.18 15.68 -5.30
N ILE A 600 -54.28 14.68 -5.45
CA ILE A 600 -53.25 14.74 -6.46
C ILE A 600 -53.86 14.43 -7.82
N ALA A 601 -54.86 13.54 -7.85
CA ALA A 601 -55.44 13.08 -9.11
C ALA A 601 -56.07 14.24 -9.90
N THR A 602 -56.59 15.21 -9.16
CA THR A 602 -57.28 16.34 -9.75
C THR A 602 -56.38 17.07 -10.75
N TYR A 603 -55.05 16.93 -10.62
CA TYR A 603 -54.13 17.85 -11.31
C TYR A 603 -53.64 17.29 -12.65
N SER A 604 -53.07 18.20 -13.46
CA SER A 604 -52.68 17.85 -14.81
C SER A 604 -51.73 16.66 -14.81
N PRO A 605 -51.88 15.67 -15.72
CA PRO A 605 -50.83 14.70 -15.99
C PRO A 605 -49.92 15.08 -17.16
N GLU A 606 -50.01 16.35 -17.59
CA GLU A 606 -49.06 16.93 -18.54
C GLU A 606 -47.67 17.04 -17.92
N ASN A 607 -46.67 16.69 -18.72
CA ASN A 607 -45.32 17.21 -18.58
C ASN A 607 -45.39 18.72 -18.39
N HIS A 608 -44.49 19.28 -17.57
CA HIS A 608 -44.39 20.72 -17.40
C HIS A 608 -43.17 21.21 -18.18
N PHE A 609 -43.02 22.53 -18.29
CA PHE A 609 -41.80 23.15 -18.76
C PHE A 609 -40.67 22.60 -17.89
N ASN A 610 -39.54 22.24 -18.53
CA ASN A 610 -38.33 21.98 -17.77
C ASN A 610 -37.76 23.31 -17.30
N LEU A 611 -37.42 23.34 -16.01
CA LEU A 611 -37.17 24.56 -15.26
C LEU A 611 -35.79 24.49 -14.58
N THR A 612 -35.35 23.30 -14.14
CA THR A 612 -34.08 23.13 -13.46
C THR A 612 -32.91 23.20 -14.44
N THR A 613 -31.78 23.66 -13.90
CA THR A 613 -30.50 23.68 -14.59
C THR A 613 -29.65 22.56 -14.03
N PRO A 614 -28.56 22.13 -14.70
CA PRO A 614 -27.73 21.04 -14.20
C PRO A 614 -27.07 21.30 -12.87
N GLU A 615 -26.95 22.57 -12.51
CA GLU A 615 -26.38 22.95 -11.23
C GLU A 615 -27.40 22.81 -10.13
N ASN A 616 -28.68 22.62 -10.47
CA ASN A 616 -29.70 22.57 -9.42
C ASN A 616 -29.54 21.29 -8.65
N LEU A 617 -29.92 21.33 -7.37
CA LEU A 617 -29.87 20.16 -6.52
C LEU A 617 -30.89 19.15 -7.02
N ALA A 618 -30.51 17.88 -6.91
CA ALA A 618 -31.37 16.78 -7.33
C ALA A 618 -31.72 15.92 -6.12
N TYR A 619 -30.78 15.75 -5.19
CA TYR A 619 -31.04 14.99 -4.00
C TYR A 619 -30.04 15.42 -2.95
N VAL A 620 -30.40 15.16 -1.68
CA VAL A 620 -29.53 15.39 -0.54
C VAL A 620 -29.53 14.10 0.28
N ILE A 621 -28.34 13.51 0.51
CA ILE A 621 -28.26 12.22 1.21
C ILE A 621 -27.14 12.32 2.24
N TYR A 622 -27.39 11.77 3.45
CA TYR A 622 -26.49 11.86 4.59
C TYR A 622 -25.47 10.72 4.44
N THR A 623 -24.20 11.03 4.71
CA THR A 623 -23.17 10.04 4.98
C THR A 623 -23.07 9.83 6.48
N SER A 624 -22.43 8.71 6.86
CA SER A 624 -22.18 8.35 8.25
C SER A 624 -20.82 8.90 8.76
N GLY A 628 -18.95 14.85 14.17
CA GLY A 628 -19.97 14.18 15.00
C GLY A 628 -21.10 13.59 14.15
N LYS A 629 -22.14 14.40 13.90
CA LYS A 629 -23.35 13.91 13.28
C LYS A 629 -23.06 13.51 11.83
N PRO A 630 -23.97 12.79 11.15
CA PRO A 630 -23.87 12.62 9.69
C PRO A 630 -24.05 13.98 9.01
N LYS A 631 -23.60 14.04 7.75
CA LYS A 631 -23.54 15.31 7.05
C LYS A 631 -24.25 15.14 5.71
N GLY A 632 -25.13 16.07 5.37
CA GLY A 632 -25.87 15.87 4.14
C GLY A 632 -25.05 16.36 2.96
N VAL A 633 -25.11 15.61 1.88
CA VAL A 633 -24.36 15.87 0.68
C VAL A 633 -25.32 16.37 -0.38
N LEU A 634 -24.94 17.49 -1.00
CA LEU A 634 -25.76 18.16 -1.98
C LEU A 634 -25.31 17.73 -3.37
N ILE A 635 -26.10 16.85 -3.97
CA ILE A 635 -25.84 16.37 -5.30
C ILE A 635 -26.74 17.08 -6.31
N SER A 636 -26.11 17.61 -7.37
CA SER A 636 -26.76 18.29 -8.47
C SER A 636 -27.16 17.31 -9.57
N HIS A 637 -27.80 17.81 -10.63
CA HIS A 637 -28.26 16.98 -11.73
C HIS A 637 -27.09 16.55 -12.65
N ARG A 638 -26.08 17.40 -12.83
CA ARG A 638 -24.95 17.11 -13.70
C ARG A 638 -24.33 15.78 -13.30
N GLY A 639 -23.96 15.66 -12.02
CA GLY A 639 -23.47 14.44 -11.43
C GLY A 639 -24.25 13.23 -11.96
N LEU A 640 -25.57 13.31 -11.77
CA LEU A 640 -26.43 12.20 -12.11
C LEU A 640 -26.47 11.97 -13.61
N MET A 641 -26.40 13.03 -14.39
CA MET A 641 -26.46 12.83 -15.83
C MET A 641 -25.26 11.99 -16.22
N ASN A 642 -24.09 12.36 -15.68
CA ASN A 642 -22.83 11.68 -15.97
C ASN A 642 -22.93 10.21 -15.59
N LEU A 643 -23.41 9.97 -14.38
CA LEU A 643 -23.52 8.63 -13.86
C LEU A 643 -24.38 7.81 -14.82
N ILE A 644 -25.57 8.33 -15.14
CA ILE A 644 -26.56 7.60 -15.93
C ILE A 644 -25.97 7.27 -17.30
N CYS A 645 -25.44 8.29 -17.94
CA CYS A 645 -24.94 8.10 -19.27
C CYS A 645 -23.76 7.13 -19.24
N TRP A 646 -22.91 7.15 -18.19
CA TRP A 646 -21.79 6.20 -18.06
C TRP A 646 -22.31 4.80 -17.83
N HIS A 647 -23.20 4.68 -16.84
CA HIS A 647 -23.73 3.40 -16.42
C HIS A 647 -24.37 2.67 -17.61
N GLN A 648 -25.18 3.39 -18.38
CA GLN A 648 -25.97 2.78 -19.44
C GLN A 648 -25.03 2.22 -20.50
N ASP A 649 -23.93 2.91 -20.71
CA ASP A 649 -22.92 2.55 -21.70
C ASP A 649 -22.14 1.32 -21.19
N ALA A 650 -21.57 1.43 -19.99
CA ALA A 650 -20.74 0.36 -19.45
C ALA A 650 -21.50 -0.97 -19.38
N PHE A 651 -22.74 -0.96 -18.91
CA PHE A 651 -23.45 -2.22 -18.71
C PHE A 651 -24.52 -2.44 -19.79
N GLU A 652 -24.51 -1.63 -20.85
CA GLU A 652 -25.35 -1.86 -22.02
C GLU A 652 -26.83 -2.00 -21.64
N ILE A 653 -27.32 -1.12 -20.79
CA ILE A 653 -28.70 -1.22 -20.36
C ILE A 653 -29.55 -0.85 -21.55
N THR A 654 -30.58 -1.66 -21.82
CA THR A 654 -31.59 -1.38 -22.84
C THR A 654 -32.97 -1.71 -22.30
N PRO A 655 -34.04 -1.29 -23.01
CA PRO A 655 -35.40 -1.47 -22.47
C PRO A 655 -35.77 -2.92 -22.23
N LEU A 656 -34.99 -3.86 -22.75
CA LEU A 656 -35.23 -5.26 -22.46
C LEU A 656 -34.92 -5.58 -20.99
N ASP A 657 -34.11 -4.74 -20.32
CA ASP A 657 -33.43 -5.19 -19.11
C ASP A 657 -34.44 -5.21 -17.97
N LYS A 658 -34.26 -6.18 -17.06
CA LYS A 658 -34.99 -6.19 -15.79
C LYS A 658 -34.00 -5.95 -14.63
N ILE A 659 -34.24 -4.86 -13.89
CA ILE A 659 -33.26 -4.31 -12.98
C ILE A 659 -33.83 -4.24 -11.56
N THR A 660 -33.08 -4.78 -10.62
CA THR A 660 -33.56 -4.99 -9.27
C THR A 660 -33.36 -3.68 -8.48
N GLN A 661 -34.18 -3.48 -7.43
CA GLN A 661 -34.11 -2.29 -6.60
C GLN A 661 -34.22 -2.73 -5.14
N LEU A 662 -33.09 -2.87 -4.43
CA LEU A 662 -33.15 -3.36 -3.06
C LEU A 662 -32.39 -2.47 -2.11
N ALA A 663 -31.65 -1.47 -2.57
CA ALA A 663 -31.00 -0.62 -1.59
C ALA A 663 -32.09 0.22 -0.92
N ARG A 664 -32.00 0.43 0.39
CA ARG A 664 -32.90 1.36 1.06
C ARG A 664 -32.67 2.76 0.48
N ILE A 665 -33.71 3.60 0.45
CA ILE A 665 -33.70 4.86 -0.27
C ILE A 665 -32.81 5.88 0.45
N ALA A 666 -32.43 5.64 1.69
CA ALA A 666 -31.54 6.60 2.35
C ALA A 666 -30.06 6.43 1.93
N PHE A 667 -29.70 5.28 1.35
CA PHE A 667 -28.38 5.01 0.80
C PHE A 667 -28.37 5.43 -0.68
N ASP A 668 -27.23 5.93 -1.16
CA ASP A 668 -27.19 6.54 -2.48
C ASP A 668 -27.13 5.45 -3.56
N ALA A 669 -26.88 4.20 -3.19
CA ALA A 669 -27.02 3.09 -4.13
C ALA A 669 -28.38 3.09 -4.79
N ALA A 670 -29.41 3.54 -4.07
CA ALA A 670 -30.76 3.51 -4.61
C ALA A 670 -30.88 4.43 -5.83
N VAL A 671 -30.07 5.49 -5.88
CA VAL A 671 -30.07 6.41 -6.99
C VAL A 671 -29.65 5.69 -8.25
N TRP A 672 -28.70 4.79 -8.05
CA TRP A 672 -27.98 4.12 -9.11
C TRP A 672 -28.74 2.87 -9.55
N GLU A 673 -29.79 2.53 -8.78
CA GLU A 673 -30.74 1.49 -9.16
C GLU A 673 -31.91 2.08 -9.94
N LEU A 674 -32.45 3.21 -9.48
CA LEU A 674 -33.61 3.85 -10.10
C LEU A 674 -33.27 4.45 -11.46
N TRP A 675 -32.32 5.38 -11.55
CA TRP A 675 -32.38 6.33 -12.66
C TRP A 675 -31.73 5.82 -13.93
N PRO A 676 -30.57 5.14 -13.88
CA PRO A 676 -30.06 4.51 -15.09
C PRO A 676 -31.17 3.71 -15.76
N CYS A 677 -31.88 2.89 -14.96
CA CYS A 677 -32.98 2.02 -15.38
C CYS A 677 -34.20 2.76 -15.94
N LEU A 678 -34.88 3.57 -15.13
CA LEU A 678 -35.99 4.37 -15.62
C LEU A 678 -35.57 5.26 -16.77
N THR A 679 -34.38 5.82 -16.82
CA THR A 679 -34.09 6.70 -17.94
C THR A 679 -33.74 5.90 -19.19
N ALA A 680 -33.63 4.59 -19.09
CA ALA A 680 -33.25 3.79 -20.24
C ALA A 680 -34.41 3.03 -20.90
N GLY A 681 -35.53 2.83 -20.16
CA GLY A 681 -36.72 2.15 -20.63
C GLY A 681 -36.91 0.79 -19.95
N ALA A 682 -35.99 0.44 -19.08
CA ALA A 682 -36.06 -0.90 -18.55
C ALA A 682 -37.10 -0.96 -17.42
N SER A 683 -37.23 -2.16 -16.84
CA SER A 683 -38.25 -2.39 -15.87
C SER A 683 -37.53 -2.55 -14.55
N LEU A 684 -37.99 -1.78 -13.57
CA LEU A 684 -37.42 -1.83 -12.25
C LEU A 684 -38.27 -2.75 -11.38
N VAL A 685 -37.64 -3.76 -10.78
CA VAL A 685 -38.33 -4.69 -9.92
C VAL A 685 -37.97 -4.37 -8.47
N LEU A 686 -38.93 -3.84 -7.71
CA LEU A 686 -38.71 -3.62 -6.29
C LEU A 686 -38.71 -5.00 -5.63
N VAL A 687 -37.80 -5.20 -4.68
CA VAL A 687 -37.59 -6.48 -4.04
C VAL A 687 -38.16 -6.42 -2.63
N LYS A 688 -38.92 -7.46 -2.27
CA LYS A 688 -39.31 -7.69 -0.89
C LYS A 688 -38.08 -7.95 -0.03
N PRO A 689 -37.82 -7.17 1.05
CA PRO A 689 -36.64 -7.38 1.90
C PRO A 689 -36.57 -8.77 2.54
N GLU A 690 -37.69 -9.50 2.51
CA GLU A 690 -37.80 -10.91 2.88
C GLU A 690 -36.79 -11.73 2.08
N ILE A 691 -36.84 -11.56 0.75
CA ILE A 691 -36.09 -12.39 -0.19
C ILE A 691 -34.61 -12.16 0.04
N MET A 692 -34.27 -10.90 0.36
CA MET A 692 -32.90 -10.48 0.56
C MET A 692 -32.30 -11.11 1.83
N GLN A 693 -33.15 -11.61 2.75
CA GLN A 693 -32.68 -12.17 4.01
C GLN A 693 -32.07 -13.56 3.79
N SER A 694 -32.29 -14.17 2.61
CA SER A 694 -31.79 -15.51 2.35
C SER A 694 -31.00 -15.53 1.06
N PRO A 695 -29.66 -15.74 1.10
CA PRO A 695 -28.87 -15.75 -0.12
C PRO A 695 -29.47 -16.71 -1.16
N PRO A 696 -29.70 -17.99 -0.79
CA PRO A 696 -30.25 -18.98 -1.74
C PRO A 696 -31.63 -18.62 -2.27
N ASP A 697 -32.47 -18.04 -1.40
CA ASP A 697 -33.80 -17.63 -1.85
C ASP A 697 -33.66 -16.49 -2.86
N LEU A 698 -32.70 -15.58 -2.63
CA LEU A 698 -32.53 -14.43 -3.50
C LEU A 698 -32.04 -14.91 -4.86
N ARG A 699 -31.02 -15.79 -4.82
CA ARG A 699 -30.55 -16.49 -6.00
C ARG A 699 -31.73 -17.02 -6.80
N ASP A 700 -32.58 -17.82 -6.15
CA ASP A 700 -33.66 -18.50 -6.86
C ASP A 700 -34.59 -17.44 -7.44
N TRP A 701 -34.97 -16.50 -6.56
CA TRP A 701 -35.78 -15.36 -6.95
C TRP A 701 -35.16 -14.55 -8.09
N LEU A 702 -33.84 -14.40 -8.16
CA LEU A 702 -33.27 -13.61 -9.24
C LEU A 702 -33.43 -14.37 -10.54
N ILE A 703 -33.18 -15.68 -10.44
CA ILE A 703 -33.28 -16.58 -11.56
C ILE A 703 -34.74 -16.62 -12.00
N ALA A 704 -35.64 -16.89 -11.03
CA ALA A 704 -37.07 -16.97 -11.27
C ALA A 704 -37.56 -15.77 -12.07
N GLN A 705 -37.30 -14.55 -11.56
CA GLN A 705 -37.89 -13.35 -12.13
C GLN A 705 -37.17 -12.92 -13.40
N GLU A 706 -36.13 -13.65 -13.81
CA GLU A 706 -35.44 -13.33 -15.05
C GLU A 706 -34.88 -11.90 -15.00
N ILE A 707 -34.22 -11.58 -13.89
CA ILE A 707 -33.56 -10.29 -13.75
C ILE A 707 -32.25 -10.34 -14.53
N THR A 708 -31.94 -9.25 -15.26
CA THR A 708 -30.79 -9.22 -16.13
C THR A 708 -29.58 -8.60 -15.43
N VAL A 709 -29.78 -7.49 -14.71
CA VAL A 709 -28.70 -6.82 -14.01
C VAL A 709 -29.20 -6.35 -12.65
N SER A 710 -28.47 -6.76 -11.59
CA SER A 710 -28.84 -6.64 -10.18
C SER A 710 -27.67 -6.11 -9.35
N PHE A 711 -27.90 -5.02 -8.58
CA PHE A 711 -26.98 -4.54 -7.55
C PHE A 711 -27.21 -5.32 -6.25
N LEU A 712 -26.18 -5.99 -5.73
CA LEU A 712 -26.23 -6.63 -4.41
C LEU A 712 -25.14 -6.00 -3.57
N PRO A 713 -25.42 -5.50 -2.36
CA PRO A 713 -24.38 -4.98 -1.50
C PRO A 713 -23.40 -6.11 -1.16
N THR A 714 -22.22 -5.69 -0.71
CA THR A 714 -21.03 -6.49 -0.62
C THR A 714 -21.22 -7.70 0.30
N PRO A 715 -21.68 -7.52 1.55
CA PRO A 715 -21.76 -8.67 2.44
C PRO A 715 -22.66 -9.74 1.80
N LEU A 716 -23.65 -9.30 1.02
CA LEU A 716 -24.63 -10.20 0.43
C LEU A 716 -24.03 -10.93 -0.77
N VAL A 717 -23.32 -10.20 -1.61
CA VAL A 717 -22.74 -10.80 -2.80
C VAL A 717 -21.66 -11.78 -2.36
N GLU A 718 -20.99 -11.49 -1.25
CA GLU A 718 -20.02 -12.44 -0.77
C GLU A 718 -20.70 -13.78 -0.59
N LYS A 719 -21.90 -13.76 -0.02
CA LYS A 719 -22.57 -14.99 0.35
C LYS A 719 -23.10 -15.69 -0.88
N ILE A 720 -23.77 -14.97 -1.81
CA ILE A 720 -24.31 -15.67 -2.98
C ILE A 720 -23.16 -16.32 -3.79
N LEU A 721 -21.90 -15.85 -3.65
CA LEU A 721 -20.85 -16.42 -4.49
C LEU A 721 -20.43 -17.81 -4.00
N SER A 722 -20.79 -18.20 -2.76
CA SER A 722 -20.57 -19.54 -2.25
C SER A 722 -21.62 -20.52 -2.74
N LEU A 723 -22.78 -20.01 -3.18
CA LEU A 723 -23.86 -20.85 -3.67
C LEU A 723 -23.47 -21.39 -5.02
N GLU A 724 -24.21 -22.42 -5.48
CA GLU A 724 -24.00 -22.95 -6.81
C GLU A 724 -25.16 -22.49 -7.68
N TRP A 725 -24.90 -22.33 -8.98
CA TRP A 725 -25.73 -21.48 -9.81
C TRP A 725 -26.08 -22.20 -11.11
N ASP A 726 -27.37 -22.20 -11.45
CA ASP A 726 -27.76 -22.58 -12.80
C ASP A 726 -26.82 -21.90 -13.78
N GLU A 727 -26.52 -22.56 -14.91
CA GLU A 727 -25.57 -22.04 -15.87
C GLU A 727 -26.28 -21.17 -16.90
N ASN A 728 -27.60 -21.33 -17.06
CA ASN A 728 -28.26 -20.59 -18.13
C ASN A 728 -29.45 -19.81 -17.57
N ILE A 729 -29.14 -18.58 -17.14
CA ILE A 729 -30.11 -17.69 -16.53
C ILE A 729 -30.01 -16.35 -17.25
N ALA A 730 -30.96 -15.45 -16.92
CA ALA A 730 -31.06 -14.16 -17.57
C ALA A 730 -30.07 -13.16 -16.97
N LEU A 731 -29.68 -13.42 -15.71
CA LEU A 731 -28.77 -12.53 -14.98
C LEU A 731 -27.41 -12.43 -15.66
N ARG A 732 -27.12 -11.29 -16.32
CA ARG A 732 -25.85 -11.13 -17.00
C ARG A 732 -24.83 -10.42 -16.11
N ILE A 733 -25.24 -9.31 -15.47
CA ILE A 733 -24.36 -8.59 -14.56
C ILE A 733 -24.87 -8.60 -13.13
N ILE A 734 -23.97 -8.84 -12.16
CA ILE A 734 -24.19 -8.43 -10.78
C ILE A 734 -23.21 -7.30 -10.43
N LEU A 735 -23.75 -6.16 -9.97
CA LEU A 735 -22.97 -5.00 -9.59
C LEU A 735 -22.85 -5.07 -8.08
N THR A 736 -21.69 -4.72 -7.54
CA THR A 736 -21.57 -4.64 -6.10
C THR A 736 -20.66 -3.46 -5.74
N GLY A 737 -20.68 -3.13 -4.45
CA GLY A 737 -19.85 -2.07 -3.94
C GLY A 737 -20.37 -1.59 -2.59
N GLY A 738 -19.55 -0.78 -1.92
CA GLY A 738 -19.96 -0.16 -0.68
C GLY A 738 -19.01 -0.45 0.48
N ASP A 739 -18.59 -1.70 0.58
CA ASP A 739 -17.61 -2.14 1.52
C ASP A 739 -16.55 -2.85 0.70
N LYS A 740 -15.43 -3.24 1.32
CA LYS A 740 -14.35 -3.95 0.66
C LYS A 740 -14.75 -5.40 0.39
N LEU A 741 -14.85 -5.77 -0.90
CA LEU A 741 -15.17 -7.14 -1.30
C LEU A 741 -13.92 -8.00 -1.09
N HIS A 742 -14.11 -9.16 -0.47
CA HIS A 742 -13.01 -10.00 0.00
C HIS A 742 -12.69 -11.07 -1.03
N HIS A 743 -13.72 -11.55 -1.74
CA HIS A 743 -13.69 -12.80 -2.49
C HIS A 743 -13.80 -12.60 -4.00
N TYR A 744 -13.02 -13.37 -4.77
CA TYR A 744 -13.15 -13.40 -6.22
C TYR A 744 -14.21 -14.43 -6.58
N PRO A 745 -14.92 -14.22 -7.70
CA PRO A 745 -15.90 -15.19 -8.17
C PRO A 745 -15.19 -16.44 -8.66
N SER A 746 -15.84 -17.60 -8.48
CA SER A 746 -15.55 -18.81 -9.24
C SER A 746 -15.79 -18.51 -10.71
N GLY A 747 -15.08 -19.22 -11.60
CA GLY A 747 -15.38 -19.14 -13.03
C GLY A 747 -16.75 -19.74 -13.36
N LEU A 748 -17.26 -20.57 -12.43
CA LEU A 748 -18.54 -21.26 -12.64
C LEU A 748 -19.69 -20.26 -12.71
N MET A 749 -19.50 -19.03 -12.23
CA MET A 749 -20.57 -18.05 -12.11
C MET A 749 -21.07 -17.64 -13.49
N PRO A 750 -22.39 -17.72 -13.72
CA PRO A 750 -22.97 -17.41 -15.03
C PRO A 750 -22.87 -15.94 -15.37
N PHE A 751 -23.17 -15.07 -14.40
CA PHE A 751 -23.09 -13.63 -14.58
C PHE A 751 -21.65 -13.14 -14.48
N LYS A 752 -21.43 -11.91 -14.96
CA LYS A 752 -20.21 -11.21 -14.66
C LYS A 752 -20.44 -10.21 -13.51
N LEU A 753 -19.41 -10.11 -12.65
CA LEU A 753 -19.40 -9.47 -11.35
C LEU A 753 -18.54 -8.22 -11.46
N ILE A 754 -19.17 -7.08 -11.19
CA ILE A 754 -18.50 -5.80 -11.35
C ILE A 754 -18.38 -5.18 -9.96
N ASN A 755 -17.13 -4.88 -9.58
CA ASN A 755 -16.89 -4.11 -8.37
C ASN A 755 -16.92 -2.63 -8.70
N ASN A 756 -17.41 -1.85 -7.72
CA ASN A 756 -17.50 -0.41 -7.88
C ASN A 756 -17.24 0.27 -6.55
N TYR A 757 -16.73 1.50 -6.62
CA TYR A 757 -16.41 2.26 -5.42
C TYR A 757 -16.76 3.72 -5.66
N GLY A 758 -17.15 4.39 -4.58
CA GLY A 758 -17.21 5.85 -4.60
C GLY A 758 -17.84 6.45 -3.36
N PRO A 759 -17.39 7.62 -2.90
CA PRO A 759 -18.10 8.36 -1.85
C PRO A 759 -19.39 8.96 -2.40
N THR A 760 -20.28 9.18 -1.46
CA THR A 760 -21.51 9.93 -1.67
C THR A 760 -21.21 11.29 -2.26
N GLU A 761 -20.08 11.87 -1.87
CA GLU A 761 -19.68 13.17 -2.35
C GLU A 761 -19.36 13.17 -3.83
N ASN A 762 -19.52 12.05 -4.53
CA ASN A 762 -19.19 11.99 -5.98
C ASN A 762 -20.23 11.15 -6.74
N SER A 763 -21.51 11.46 -6.58
CA SER A 763 -22.58 10.81 -7.36
C SER A 763 -22.46 9.28 -7.44
N VAL A 764 -22.52 8.60 -6.30
CA VAL A 764 -22.54 7.10 -6.20
C VAL A 764 -21.24 6.41 -6.66
N VAL A 765 -20.89 6.45 -7.94
CA VAL A 765 -19.74 5.63 -8.40
C VAL A 765 -18.58 6.46 -8.94
N THR A 766 -17.36 6.14 -8.50
CA THR A 766 -16.13 6.78 -8.95
C THR A 766 -15.29 5.85 -9.81
N THR A 767 -15.33 4.58 -9.48
CA THR A 767 -14.42 3.58 -10.01
C THR A 767 -15.25 2.33 -10.18
N SER A 768 -14.95 1.60 -11.28
CA SER A 768 -15.68 0.40 -11.65
C SER A 768 -14.73 -0.54 -12.34
N GLY A 769 -14.89 -1.85 -12.15
CA GLY A 769 -14.01 -2.79 -12.83
C GLY A 769 -14.57 -4.20 -12.76
N LEU A 770 -14.54 -4.92 -13.89
CA LEU A 770 -14.94 -6.32 -13.93
C LEU A 770 -14.04 -7.12 -12.98
N VAL A 771 -14.62 -8.09 -12.27
CA VAL A 771 -13.85 -8.97 -11.39
C VAL A 771 -13.88 -10.37 -11.98
N ARG A 772 -12.70 -10.88 -12.34
CA ARG A 772 -12.54 -12.25 -12.80
C ARG A 772 -12.24 -13.14 -11.60
N ASP A 773 -12.06 -14.44 -11.88
CA ASP A 773 -11.62 -15.46 -10.94
C ASP A 773 -10.19 -15.15 -10.53
N TYR A 774 -9.68 -15.71 -9.42
CA TYR A 774 -8.31 -15.36 -8.99
C TYR A 774 -7.31 -15.95 -10.00
N GLU A 775 -6.29 -15.16 -10.41
CA GLU A 775 -5.29 -15.60 -11.37
C GLU A 775 -4.00 -15.98 -10.66
N GLU A 776 -3.21 -14.99 -10.20
CA GLU A 776 -1.96 -15.30 -9.52
C GLU A 776 -1.30 -13.99 -9.11
N GLY A 777 -1.00 -13.15 -10.12
CA GLY A 777 -0.53 -11.80 -9.87
C GLY A 777 -1.58 -10.92 -9.19
N ASN A 778 -2.74 -11.49 -8.86
CA ASN A 778 -3.87 -10.74 -8.33
C ASN A 778 -3.66 -10.32 -6.88
N PRO A 779 -4.17 -9.14 -6.50
CA PRO A 779 -4.11 -8.68 -5.12
C PRO A 779 -5.00 -9.57 -4.24
N PRO A 780 -4.92 -9.44 -2.89
CA PRO A 780 -5.58 -10.37 -2.00
C PRO A 780 -7.10 -10.24 -2.08
N SER A 781 -7.57 -9.06 -2.51
CA SER A 781 -9.00 -8.81 -2.72
C SER A 781 -9.26 -8.00 -3.98
N PRO A 782 -10.38 -8.27 -4.67
CA PRO A 782 -10.60 -7.70 -5.98
C PRO A 782 -10.41 -6.18 -6.00
N SER A 783 -9.74 -5.73 -7.06
CA SER A 783 -9.63 -4.34 -7.36
C SER A 783 -10.99 -3.66 -7.34
N ILE A 784 -10.97 -2.35 -7.04
CA ILE A 784 -12.11 -1.49 -7.25
C ILE A 784 -12.09 -0.84 -8.63
N GLY A 785 -11.32 -1.38 -9.55
CA GLY A 785 -11.41 -0.96 -10.92
C GLY A 785 -10.72 0.38 -11.16
N LYS A 786 -11.26 1.14 -12.13
CA LYS A 786 -10.62 2.32 -12.67
C LYS A 786 -11.66 3.43 -12.82
N PRO A 787 -11.26 4.71 -13.01
CA PRO A 787 -12.22 5.80 -13.00
C PRO A 787 -13.26 5.70 -14.12
N VAL A 788 -14.50 6.12 -13.82
CA VAL A 788 -15.61 6.21 -14.76
C VAL A 788 -15.54 7.49 -15.56
N TYR A 789 -16.47 7.69 -16.49
CA TYR A 789 -16.40 8.85 -17.37
C TYR A 789 -16.26 10.16 -16.58
N ASN A 790 -15.53 11.11 -17.13
CA ASN A 790 -15.42 12.45 -16.62
C ASN A 790 -15.01 12.49 -15.15
N THR A 791 -14.16 11.52 -14.80
CA THR A 791 -13.62 11.33 -13.47
C THR A 791 -12.11 11.11 -13.56
N LYS A 792 -11.35 11.90 -12.82
CA LYS A 792 -9.92 11.73 -12.69
C LYS A 792 -9.63 11.44 -11.23
N ILE A 793 -8.69 10.52 -10.99
CA ILE A 793 -8.33 10.24 -9.62
C ILE A 793 -6.85 10.54 -9.41
N TYR A 794 -6.49 10.75 -8.15
CA TYR A 794 -5.12 11.01 -7.79
C TYR A 794 -4.79 10.33 -6.46
N ILE A 795 -3.65 9.64 -6.42
CA ILE A 795 -3.25 8.96 -5.21
C ILE A 795 -2.08 9.76 -4.67
N LEU A 796 -2.28 10.39 -3.50
CA LEU A 796 -1.42 11.47 -3.06
C LEU A 796 -0.92 11.25 -1.63
N ASP A 797 0.26 11.80 -1.36
CA ASP A 797 0.81 11.75 -0.02
C ASP A 797 0.20 12.89 0.81
N GLN A 798 0.73 13.05 2.03
CA GLN A 798 0.07 13.89 3.01
C GLN A 798 0.39 15.37 2.72
N ASN A 799 1.34 15.62 1.81
CA ASN A 799 1.67 16.96 1.33
C ASN A 799 1.16 17.15 -0.11
N LEU A 800 0.14 16.35 -0.49
CA LEU A 800 -0.49 16.40 -1.80
C LEU A 800 0.45 16.09 -2.95
N GLN A 801 1.44 15.22 -2.73
CA GLN A 801 2.41 14.89 -3.76
C GLN A 801 2.09 13.54 -4.41
N PRO A 802 2.27 13.37 -5.74
CA PRO A 802 1.95 12.13 -6.44
C PRO A 802 2.84 11.03 -5.97
N LEU A 803 2.36 9.81 -6.09
CA LEU A 803 3.08 8.65 -5.66
C LEU A 803 3.12 7.66 -6.81
N PRO A 804 4.15 6.79 -6.87
CA PRO A 804 4.28 5.85 -7.97
C PRO A 804 3.44 4.61 -7.68
N ILE A 805 3.39 3.73 -8.68
CA ILE A 805 2.72 2.45 -8.56
C ILE A 805 3.22 1.74 -7.32
N GLY A 806 2.28 1.07 -6.64
CA GLY A 806 2.62 0.22 -5.51
C GLY A 806 2.63 0.96 -4.18
N VAL A 807 2.73 2.31 -4.19
CA VAL A 807 2.77 3.05 -2.94
C VAL A 807 1.38 3.49 -2.51
N PRO A 808 0.95 3.17 -1.26
CA PRO A 808 -0.34 3.61 -0.74
C PRO A 808 -0.38 5.10 -0.44
N GLY A 809 -1.51 5.72 -0.78
CA GLY A 809 -1.78 7.13 -0.53
C GLY A 809 -3.29 7.35 -0.40
N GLU A 810 -3.68 8.63 -0.35
CA GLU A 810 -5.07 9.04 -0.16
C GLU A 810 -5.67 9.37 -1.52
N LEU A 811 -6.86 8.79 -1.77
CA LEU A 811 -7.51 9.00 -3.04
C LEU A 811 -8.13 10.38 -3.06
N HIS A 812 -7.85 11.14 -4.09
CA HIS A 812 -8.56 12.37 -4.32
C HIS A 812 -9.29 12.25 -5.67
N ILE A 813 -10.47 12.88 -5.80
CA ILE A 813 -11.29 12.79 -7.01
C ILE A 813 -11.47 14.16 -7.64
N SER A 814 -11.26 14.28 -8.95
CA SER A 814 -11.73 15.40 -9.74
C SER A 814 -12.81 14.90 -10.70
N SER A 815 -14.05 15.42 -10.67
CA SER A 815 -15.14 14.83 -11.43
C SER A 815 -16.28 15.82 -11.61
N VAL A 816 -17.03 15.65 -12.69
CA VAL A 816 -18.27 16.40 -12.85
C VAL A 816 -19.29 15.90 -11.86
N GLY A 817 -18.93 14.85 -11.14
CA GLY A 817 -19.87 14.25 -10.22
C GLY A 817 -19.83 14.85 -8.83
N LEU A 818 -18.91 15.82 -8.59
CA LEU A 818 -18.59 16.19 -7.21
C LEU A 818 -19.80 16.91 -6.64
N ALA A 819 -20.07 16.69 -5.36
CA ALA A 819 -21.13 17.44 -4.68
C ALA A 819 -20.81 18.93 -4.72
N ARG A 820 -21.88 19.74 -4.62
CA ARG A 820 -21.74 21.17 -4.43
C ARG A 820 -21.08 21.41 -3.07
N GLY A 821 -21.42 20.59 -2.09
CA GLY A 821 -20.70 20.56 -0.84
C GLY A 821 -21.56 19.87 0.20
N TYR A 822 -21.29 20.15 1.48
CA TYR A 822 -22.17 19.67 2.52
C TYR A 822 -23.28 20.70 2.79
N LEU A 823 -24.48 20.22 3.09
CA LEU A 823 -25.55 21.01 3.69
C LEU A 823 -25.10 21.57 5.03
N ASN A 824 -25.08 22.92 5.11
CA ASN A 824 -24.90 23.68 6.34
C ASN A 824 -23.55 23.41 6.98
N ARG A 825 -22.55 23.01 6.18
CA ARG A 825 -21.20 22.80 6.71
C ARG A 825 -20.24 23.39 5.70
N LEU A 826 -20.20 24.72 5.66
CA LEU A 826 -19.35 25.50 4.77
C LEU A 826 -17.86 25.32 5.08
N GLU A 827 -17.49 25.34 6.37
CA GLU A 827 -16.10 25.10 6.78
C GLU A 827 -15.57 23.82 6.11
N LEU A 828 -16.34 22.74 6.26
CA LEU A 828 -15.87 21.39 5.96
C LEU A 828 -15.81 21.24 4.45
N THR A 829 -16.82 21.81 3.81
CA THR A 829 -16.80 21.94 2.37
C THR A 829 -15.46 22.50 1.89
N GLN A 830 -14.83 23.42 2.63
CA GLN A 830 -13.63 24.06 2.11
C GLN A 830 -12.40 23.24 2.47
N GLU A 831 -12.53 22.44 3.50
CA GLU A 831 -11.41 21.66 3.99
C GLU A 831 -11.25 20.47 3.05
N LYS A 832 -12.39 19.91 2.59
CA LYS A 832 -12.37 18.64 1.85
C LYS A 832 -12.44 18.86 0.36
N PHE A 833 -13.06 19.94 -0.08
CA PHE A 833 -13.13 20.24 -1.49
C PHE A 833 -12.20 21.39 -1.83
N ILE A 834 -11.02 21.06 -2.37
CA ILE A 834 -9.99 22.06 -2.55
C ILE A 834 -9.75 22.35 -4.02
N SER A 835 -8.84 23.29 -4.21
CA SER A 835 -8.43 23.65 -5.54
C SER A 835 -7.38 22.64 -5.97
N ASN A 836 -7.62 22.12 -7.19
CA ASN A 836 -6.87 21.01 -7.75
C ASN A 836 -5.47 21.49 -8.16
N PRO A 837 -4.42 20.91 -7.54
CA PRO A 837 -3.04 21.24 -7.90
C PRO A 837 -2.62 20.92 -9.33
N PHE A 838 -3.42 20.12 -10.04
CA PHE A 838 -3.05 19.53 -11.32
C PHE A 838 -3.87 20.11 -12.49
N ASN A 839 -5.05 20.69 -12.21
CA ASN A 839 -5.87 21.40 -13.18
C ASN A 839 -6.37 22.72 -12.56
N SER A 840 -7.29 23.32 -13.30
CA SER A 840 -8.11 24.39 -12.77
C SER A 840 -9.30 23.83 -11.98
N GLY A 841 -9.59 22.52 -12.11
CA GLY A 841 -10.70 21.91 -11.41
C GLY A 841 -10.46 21.52 -9.93
N ILE A 842 -11.62 21.21 -9.30
CA ILE A 842 -11.82 20.99 -7.87
C ILE A 842 -11.35 19.58 -7.56
N LEU A 843 -10.86 19.37 -6.33
CA LEU A 843 -10.38 18.10 -5.84
C LEU A 843 -11.04 17.77 -4.51
N TYR A 844 -11.65 16.59 -4.39
CA TYR A 844 -12.20 16.09 -3.15
C TYR A 844 -11.25 15.10 -2.49
N LYS A 845 -10.98 15.30 -1.19
CA LYS A 845 -10.19 14.38 -0.39
C LYS A 845 -11.09 13.29 0.16
N THR A 846 -10.84 12.03 -0.21
CA THR A 846 -11.78 10.97 0.15
C THR A 846 -11.54 10.45 1.56
N GLY A 847 -10.34 10.57 2.10
CA GLY A 847 -9.96 9.91 3.33
C GLY A 847 -9.82 8.39 3.17
N ASP A 848 -9.76 7.92 1.92
CA ASP A 848 -9.60 6.50 1.67
C ASP A 848 -8.16 6.21 1.25
N LEU A 849 -7.59 5.11 1.76
CA LEU A 849 -6.22 4.72 1.47
C LEU A 849 -6.22 3.69 0.33
N VAL A 850 -5.45 3.94 -0.73
CA VAL A 850 -5.53 3.11 -1.93
C VAL A 850 -4.16 3.05 -2.59
N ARG A 851 -3.91 2.10 -3.50
CA ARG A 851 -2.73 2.20 -4.33
C ARG A 851 -3.02 1.79 -5.77
N TYR A 852 -2.25 2.37 -6.70
CA TYR A 852 -2.29 1.97 -8.09
C TYR A 852 -1.67 0.58 -8.18
N LEU A 853 -2.36 -0.35 -8.85
CA LEU A 853 -1.76 -1.59 -9.31
C LEU A 853 -1.07 -1.36 -10.66
N PRO A 854 -0.35 -2.35 -11.21
CA PRO A 854 0.51 -2.12 -12.38
C PRO A 854 -0.18 -1.87 -13.72
N GLU A 855 -1.42 -2.30 -13.90
CA GLU A 855 -2.14 -1.97 -15.13
C GLU A 855 -3.08 -0.78 -14.95
N GLY A 856 -3.15 -0.21 -13.74
CA GLY A 856 -3.92 1.02 -13.55
C GLY A 856 -5.23 0.82 -12.78
N ASN A 857 -5.56 -0.42 -12.47
CA ASN A 857 -6.52 -0.73 -11.43
C ASN A 857 -6.11 -0.10 -10.10
N ILE A 858 -7.09 0.08 -9.19
CA ILE A 858 -6.84 0.62 -7.86
C ILE A 858 -7.16 -0.47 -6.84
N GLU A 859 -6.20 -0.69 -5.95
CA GLU A 859 -6.41 -1.50 -4.74
C GLU A 859 -6.88 -0.61 -3.59
N PHE A 860 -8.04 -0.93 -3.03
CA PHE A 860 -8.55 -0.28 -1.84
C PHE A 860 -7.93 -0.93 -0.60
N LEU A 861 -7.37 -0.13 0.30
CA LEU A 861 -6.66 -0.62 1.47
C LEU A 861 -7.47 -0.36 2.73
N GLY A 862 -7.74 0.90 3.04
CA GLY A 862 -8.75 1.18 4.02
C GLY A 862 -8.99 2.67 4.18
N ARG A 863 -9.21 3.06 5.43
CA ARG A 863 -9.38 4.44 5.79
C ARG A 863 -8.09 5.04 6.35
N ILE A 864 -7.75 6.24 5.85
CA ILE A 864 -6.58 6.99 6.28
C ILE A 864 -6.59 7.18 7.79
N ASP A 865 -7.76 7.34 8.42
CA ASP A 865 -7.80 7.60 9.87
C ASP A 865 -7.36 6.39 10.69
N ASN A 866 -7.50 5.16 10.16
CA ASN A 866 -7.10 3.92 10.84
C ASN A 866 -5.59 3.63 10.69
N GLN A 867 -4.86 4.53 10.05
CA GLN A 867 -3.43 4.40 9.93
C GLN A 867 -2.79 5.16 11.09
N VAL A 868 -1.77 4.54 11.72
CA VAL A 868 -1.01 5.20 12.76
C VAL A 868 0.49 5.17 12.38
N LYS A 869 1.17 6.31 12.59
CA LYS A 869 2.54 6.47 12.11
C LYS A 869 3.46 5.63 13.00
N LEU A 870 4.56 5.12 12.42
CA LEU A 870 5.57 4.33 13.12
C LEU A 870 4.98 3.05 13.75
N ARG A 871 3.80 2.58 13.28
CA ARG A 871 3.31 1.23 13.62
C ARG A 871 2.76 0.51 12.40
N GLY A 872 2.87 1.11 11.21
CA GLY A 872 2.65 0.42 9.95
C GLY A 872 3.51 -0.84 9.85
N LEU A 873 2.86 -1.98 9.57
CA LEU A 873 3.31 -3.29 10.01
C LEU A 873 4.24 -4.05 9.05
N ARG A 874 4.47 -3.46 7.85
CA ARG A 874 5.21 -4.10 6.75
C ARG A 874 4.43 -5.14 5.96
N ILE A 875 3.33 -5.62 6.57
CA ILE A 875 2.33 -6.45 5.92
C ILE A 875 0.99 -5.69 5.99
N GLU A 876 0.30 -5.59 4.86
CA GLU A 876 -1.00 -4.95 4.81
C GLU A 876 -2.01 -5.86 5.51
N LEU A 877 -2.88 -5.25 6.34
CA LEU A 877 -3.87 -6.02 7.09
C LEU A 877 -4.64 -6.97 6.17
N GLY A 878 -5.04 -6.48 5.00
CA GLY A 878 -5.79 -7.27 4.03
C GLY A 878 -5.02 -8.51 3.58
N GLU A 879 -3.68 -8.48 3.68
CA GLU A 879 -2.84 -9.62 3.31
C GLU A 879 -3.10 -10.73 4.34
N ILE A 880 -3.13 -10.37 5.64
CA ILE A 880 -3.46 -11.35 6.67
C ILE A 880 -4.83 -11.92 6.40
N GLU A 881 -5.80 -11.00 6.15
CA GLU A 881 -7.20 -11.38 5.96
C GLU A 881 -7.28 -12.47 4.89
N ALA A 882 -6.54 -12.24 3.81
CA ALA A 882 -6.62 -13.10 2.65
C ALA A 882 -6.09 -14.48 3.02
N VAL A 883 -4.96 -14.48 3.79
CA VAL A 883 -4.31 -15.69 4.24
C VAL A 883 -5.23 -16.47 5.17
N LEU A 884 -5.80 -15.79 6.20
CA LEU A 884 -6.72 -16.44 7.13
C LEU A 884 -7.91 -17.04 6.38
N GLU A 885 -8.25 -16.45 5.24
CA GLU A 885 -9.46 -16.79 4.52
C GLU A 885 -9.21 -18.01 3.68
N THR A 886 -7.91 -18.29 3.43
CA THR A 886 -7.45 -19.35 2.56
C THR A 886 -7.80 -20.72 3.15
N HIS A 887 -7.40 -20.89 4.43
CA HIS A 887 -7.74 -22.06 5.23
C HIS A 887 -9.25 -22.28 5.19
N SER A 888 -9.72 -23.41 4.65
CA SER A 888 -11.14 -23.64 4.67
C SER A 888 -11.54 -23.85 6.12
N GLU A 889 -12.81 -23.54 6.40
CA GLU A 889 -13.37 -23.37 7.74
C GLU A 889 -13.34 -21.89 8.15
N VAL A 890 -12.54 -21.07 7.44
CA VAL A 890 -12.63 -19.63 7.55
C VAL A 890 -13.37 -19.12 6.32
N GLU A 891 -14.58 -18.60 6.55
CA GLU A 891 -15.47 -18.09 5.52
C GLU A 891 -15.20 -16.59 5.26
N LYS A 892 -14.81 -15.85 6.30
CA LYS A 892 -14.60 -14.43 6.19
C LYS A 892 -13.74 -13.97 7.37
N ALA A 893 -12.71 -13.17 7.11
CA ALA A 893 -11.90 -12.67 8.20
C ALA A 893 -11.66 -11.17 7.99
N VAL A 894 -11.77 -10.41 9.07
CA VAL A 894 -11.45 -9.01 9.08
C VAL A 894 -10.35 -8.79 10.12
N VAL A 895 -9.32 -8.05 9.81
CA VAL A 895 -8.26 -7.82 10.77
C VAL A 895 -8.17 -6.32 11.08
N ILE A 896 -8.37 -5.97 12.34
CA ILE A 896 -8.39 -4.58 12.79
C ILE A 896 -7.11 -4.29 13.56
N LEU A 897 -6.73 -3.00 13.64
CA LEU A 897 -5.54 -2.58 14.42
C LEU A 897 -5.88 -2.52 15.92
N ARG A 898 -6.66 -1.53 16.37
CA ARG A 898 -7.03 -1.49 17.78
C ARG A 898 -8.55 -1.55 17.87
N GLU A 899 -9.06 -2.58 18.55
CA GLU A 899 -10.44 -2.54 19.00
C GLU A 899 -10.52 -2.08 20.47
N ASP A 900 -9.38 -2.10 21.16
CA ASP A 900 -9.24 -1.63 22.53
C ASP A 900 -9.14 -0.11 22.37
N THR A 901 -8.91 0.66 23.43
CA THR A 901 -8.92 2.12 23.43
C THR A 901 -7.54 2.73 23.14
N SER A 902 -7.30 4.00 23.54
CA SER A 902 -6.12 4.75 23.11
C SER A 902 -4.77 4.46 23.78
N ASP A 903 -4.73 3.48 24.69
CA ASP A 903 -3.48 3.06 25.31
C ASP A 903 -2.50 2.14 24.56
N ASN A 904 -3.02 0.98 24.15
CA ASN A 904 -2.29 0.03 23.34
C ASN A 904 -2.98 -0.03 21.99
N GLN A 905 -2.51 -0.93 21.12
CA GLN A 905 -3.22 -1.16 19.83
C GLN A 905 -3.68 -2.64 19.80
N ARG A 906 -2.79 -3.60 20.08
CA ARG A 906 -3.11 -5.06 20.06
C ARG A 906 -3.95 -5.60 18.89
N LEU A 907 -3.38 -5.61 17.69
CA LEU A 907 -4.11 -6.13 16.51
C LEU A 907 -4.94 -7.43 16.59
N VAL A 908 -6.26 -7.32 16.40
CA VAL A 908 -7.16 -8.45 16.54
C VAL A 908 -7.75 -8.89 15.19
N ALA A 909 -8.17 -10.15 15.11
CA ALA A 909 -8.75 -10.71 13.92
C ALA A 909 -10.11 -11.34 14.23
N TYR A 910 -11.14 -10.91 13.51
CA TYR A 910 -12.48 -11.38 13.69
C TYR A 910 -12.75 -12.41 12.63
N ILE A 911 -13.12 -13.61 13.02
CA ILE A 911 -13.31 -14.69 12.05
C ILE A 911 -14.75 -15.15 12.10
N VAL A 912 -15.35 -15.27 10.95
CA VAL A 912 -16.59 -15.99 10.84
C VAL A 912 -16.18 -17.31 10.27
N ARG A 913 -16.58 -18.38 10.96
CA ARG A 913 -16.29 -19.78 10.62
C ARG A 913 -17.41 -20.36 9.75
N LYS A 914 -17.13 -21.49 9.08
CA LYS A 914 -18.12 -22.22 8.29
C LYS A 914 -18.84 -23.28 9.14
N SER A 915 -18.06 -24.02 9.94
CA SER A 915 -18.60 -24.91 10.97
C SER A 915 -17.77 -24.76 12.24
N PRO A 916 -18.33 -25.13 13.41
CA PRO A 916 -17.64 -24.95 14.69
C PRO A 916 -16.32 -25.70 14.90
N SER A 917 -15.85 -26.47 13.90
CA SER A 917 -14.66 -27.29 14.06
C SER A 917 -13.44 -26.47 14.50
N LEU A 918 -13.33 -25.21 14.05
CA LEU A 918 -12.09 -24.47 14.17
C LEU A 918 -12.10 -23.62 15.44
N GLY A 919 -10.93 -23.43 16.07
CA GLY A 919 -10.81 -22.62 17.27
C GLY A 919 -9.58 -21.73 17.26
N ILE A 920 -9.53 -20.80 18.23
CA ILE A 920 -8.59 -19.68 18.15
C ILE A 920 -7.14 -20.09 18.40
N GLY A 921 -6.89 -21.34 18.83
CA GLY A 921 -5.53 -21.84 18.94
C GLY A 921 -5.03 -22.38 17.60
N GLU A 922 -5.81 -23.30 17.00
CA GLU A 922 -5.48 -24.01 15.77
C GLU A 922 -5.29 -23.03 14.61
N LEU A 923 -6.14 -21.99 14.61
CA LEU A 923 -6.01 -20.83 13.74
C LEU A 923 -4.67 -20.15 14.02
N ARG A 924 -4.36 -19.87 15.30
CA ARG A 924 -3.17 -19.10 15.65
C ARG A 924 -1.90 -19.76 15.09
N ARG A 925 -1.76 -21.06 15.28
CA ARG A 925 -0.60 -21.78 14.76
C ARG A 925 -0.61 -21.81 13.23
N PHE A 926 -1.81 -21.85 12.63
CA PHE A 926 -1.90 -21.85 11.18
C PHE A 926 -1.32 -20.55 10.62
N LEU A 927 -1.56 -19.43 11.28
CA LEU A 927 -1.09 -18.14 10.80
C LEU A 927 0.38 -17.89 11.14
N GLN A 928 0.94 -18.52 12.20
CA GLN A 928 2.37 -18.36 12.49
C GLN A 928 3.19 -19.34 11.64
N GLN A 929 2.52 -20.36 11.08
CA GLN A 929 3.07 -21.21 10.01
C GLN A 929 3.21 -20.45 8.68
N GLN A 930 2.24 -19.60 8.32
CA GLN A 930 2.16 -19.03 6.98
C GLN A 930 2.94 -17.73 6.94
N LEU A 931 2.51 -16.76 7.76
CA LEU A 931 3.34 -15.60 7.98
C LEU A 931 4.30 -15.99 9.10
N PRO A 932 5.27 -15.15 9.50
CA PRO A 932 5.93 -15.30 10.80
C PRO A 932 5.08 -14.62 11.90
N ALA A 933 5.68 -14.32 13.05
CA ALA A 933 5.04 -13.50 14.09
C ALA A 933 5.21 -12.02 13.74
N TYR A 934 4.64 -11.13 14.59
CA TYR A 934 4.63 -9.70 14.35
C TYR A 934 3.65 -9.50 13.19
N MET A 935 3.18 -10.62 12.62
CA MET A 935 2.29 -10.70 11.49
C MET A 935 1.18 -11.69 11.84
N VAL A 936 1.00 -11.86 13.15
CA VAL A 936 -0.02 -12.69 13.75
C VAL A 936 -0.62 -11.88 14.88
N PRO A 937 -1.97 -11.79 14.98
CA PRO A 937 -2.62 -10.94 15.97
C PRO A 937 -2.58 -11.55 17.38
N SER A 938 -2.50 -10.69 18.39
CA SER A 938 -2.74 -11.14 19.75
C SER A 938 -4.08 -11.82 20.07
N ALA A 939 -5.16 -11.23 19.55
CA ALA A 939 -6.48 -11.79 19.78
C ALA A 939 -7.10 -12.25 18.47
N PHE A 940 -7.86 -13.35 18.55
CA PHE A 940 -8.74 -13.78 17.49
C PHE A 940 -10.12 -13.94 18.11
N VAL A 941 -11.12 -13.29 17.50
CA VAL A 941 -12.47 -13.35 17.99
C VAL A 941 -13.34 -14.11 17.01
N ILE A 942 -13.81 -15.30 17.39
CA ILE A 942 -14.83 -15.96 16.58
C ILE A 942 -16.14 -15.20 16.67
N LEU A 943 -16.69 -14.78 15.53
CA LEU A 943 -18.02 -14.19 15.44
C LEU A 943 -18.96 -15.18 14.75
N SER A 944 -20.23 -14.84 14.83
CA SER A 944 -21.31 -15.56 14.18
C SER A 944 -21.78 -14.82 12.93
N ASP A 945 -21.41 -13.54 12.86
CA ASP A 945 -21.89 -12.64 11.83
C ASP A 945 -21.33 -11.26 12.08
N PHE A 946 -21.19 -10.49 11.03
CA PHE A 946 -20.53 -9.21 11.16
C PHE A 946 -21.56 -8.12 11.45
N PRO A 947 -21.26 -7.23 12.40
CA PRO A 947 -22.10 -6.06 12.60
C PRO A 947 -22.12 -5.21 11.34
N LEU A 948 -23.27 -5.26 10.64
CA LEU A 948 -23.52 -4.42 9.48
C LEU A 948 -24.22 -3.12 9.90
N ASN A 949 -23.79 -1.99 9.35
CA ASN A 949 -24.55 -0.75 9.38
C ASN A 949 -25.73 -0.79 8.38
N ASN A 950 -26.49 0.31 8.27
CA ASN A 950 -27.81 0.27 7.66
C ASN A 950 -27.78 0.07 6.14
N ASN A 951 -26.59 0.33 5.55
CA ASN A 951 -26.33 0.33 4.13
C ASN A 951 -25.64 -0.95 3.65
N GLY A 952 -25.16 -1.78 4.59
CA GLY A 952 -24.43 -3.00 4.26
C GLY A 952 -22.98 -3.02 4.73
N LYS A 953 -22.30 -1.86 4.80
CA LYS A 953 -20.93 -1.73 5.35
C LYS A 953 -20.70 -2.31 6.75
N ILE A 954 -19.54 -2.93 6.94
CA ILE A 954 -19.23 -3.46 8.25
C ILE A 954 -19.02 -2.37 9.29
N ASP A 955 -19.68 -2.55 10.44
CA ASP A 955 -19.70 -1.54 11.48
C ASP A 955 -18.62 -1.85 12.50
N ARG A 956 -17.54 -1.07 12.48
CA ARG A 956 -16.36 -1.42 13.26
C ARG A 956 -16.62 -1.25 14.75
N LYS A 957 -17.13 -0.07 15.15
CA LYS A 957 -17.28 0.29 16.56
C LYS A 957 -18.24 -0.65 17.28
N LYS A 958 -18.99 -1.48 16.54
CA LYS A 958 -19.81 -2.53 17.13
C LYS A 958 -19.11 -3.88 17.08
N LEU A 959 -17.84 -3.92 16.69
CA LEU A 959 -17.17 -5.21 16.77
C LEU A 959 -16.87 -5.39 18.26
N PRO A 960 -17.08 -6.62 18.80
CA PRO A 960 -16.73 -6.96 20.18
C PRO A 960 -15.26 -6.81 20.50
N VAL A 961 -14.95 -6.08 21.57
CA VAL A 961 -13.58 -5.89 22.01
C VAL A 961 -13.15 -7.16 22.74
N PRO A 962 -11.93 -7.71 22.52
CA PRO A 962 -11.61 -9.05 23.02
C PRO A 962 -11.26 -9.09 24.51
N ASP A 963 -11.53 -10.28 25.12
CA ASP A 963 -11.23 -10.67 26.50
C ASP A 963 -12.36 -10.23 27.44
N LEU B . -21.03 2.46 -1.51
CA LEU B . -20.92 3.47 -2.58
C LEU B . -21.22 4.77 -1.88
O LEU B . -21.21 4.74 -0.57
CB LEU B . -21.91 3.21 -3.72
CG LEU B . -21.51 2.19 -4.78
CD1 LEU B . -20.09 2.40 -5.26
CD2 LEU B . -21.67 0.79 -4.27
OXT LEU B . -21.50 5.73 -2.68
P AMP C . -20.72 6.75 2.08
O1P AMP C . -21.97 5.88 2.02
O2P AMP C . -20.66 7.57 3.30
O3P AMP C . -20.52 7.59 0.84
O5' AMP C . -19.46 5.74 2.17
C5' AMP C . -18.62 5.49 0.98
C4' AMP C . -17.33 4.84 1.43
O4' AMP C . -17.46 3.40 1.37
C3' AMP C . -16.06 5.16 0.62
O3' AMP C . -15.54 6.48 0.88
C2' AMP C . -15.16 3.96 1.00
O2' AMP C . -14.41 4.10 2.20
C1' AMP C . -16.20 2.83 1.03
N9 AMP C . -16.38 2.08 -0.22
C8 AMP C . -17.32 2.32 -1.21
N7 AMP C . -17.29 1.47 -2.19
C5 AMP C . -16.28 0.58 -1.83
C6 AMP C . -15.74 -0.56 -2.48
N6 AMP C . -16.19 -0.99 -3.65
N1 AMP C . -14.71 -1.20 -1.88
C2 AMP C . -14.26 -0.70 -0.72
N3 AMP C . -14.68 0.33 -0.01
C4 AMP C . -15.72 0.94 -0.62
#